data_6HDB
#
_entry.id   6HDB
#
_cell.length_a   131.920
_cell.length_b   131.920
_cell.length_c   132.790
_cell.angle_alpha   90.00
_cell.angle_beta   90.00
_cell.angle_gamma   90.00
#
_symmetry.space_group_name_H-M   'P 4 21 2'
#
loop_
_entity.id
_entity.type
_entity.pdbx_description
1 polymer 'Nanobody,Maltose/maltodextrin-binding periplasmic protein'
2 polymer TMEM175
3 branched alpha-D-glucopyranose-(1-4)-alpha-D-glucopyranose
4 non-polymer DODECYL-BETA-D-MALTOSIDE
5 non-polymer 'POTASSIUM ION'
6 non-polymer 'ZINC ION'
7 water water
#
loop_
_entity_poly.entity_id
_entity_poly.type
_entity_poly.pdbx_seq_one_letter_code
_entity_poly.pdbx_strand_id
1 'polypeptide(L)'
;GPSQRQLVESGGGLVQPGGSLRLSCAASGSILYFNRMGWYRQAPGKQRELVAAITSGDSTNYADPVKGRFTISRDNAKNT
VYLQMNSLKPEDTAVYYCNAKEKGWSFSLYDYWGQGTPVTVVKLVIWINGDKGYNGLAEVGKKFEKDTGIKVTVEHPDKL
EEKFPQVAATGDGPDIIFWAHDRFGGYAQSGLLAEITPDKAFQDKLYPFTWDAVRYNGKLIAYPIAVEALSLIYNKDLLP
NPPKTWEEIPALDKELKAKGKSALMFNLQEPYFTWPLIAADGGYAFKYENGKYDIKDVGVDNAGAKAGLTFLVDLIKNKH
MNADTDYSIAEAAFNKGETAMTINGPWAWSNIDTSKVNYGVTVLPTFKGQPSKPFVGVLSAGINAASPNKELAKEFLENY
LLTDEGLEAVNKDKPLGAVALKSYEEELAKDPRIAATMENAQKGEIMPNIPQMSAFWYAVRTAVINAASGRQTVDEALKD
AQTPGA
;
A
2 'polypeptide(L)'
;MSRKVFETVVGLNPNFSFRGKQQTRIETFSDAVFALAITLLVLSSTIPETFEDLWASMRDVIPFAICVALIIVIWYQHYI
FFLKYGLQDKVTILLNTILLFVLLVYVYPLKFLARFLSEIYGGIFGIIETDLSRFGEYSHQNLKLLMVNYGLGAFAIFLV
FSLMYWRAYKMKSLLDLNSYEIFDTKSSIIANLLMCSVPLLSLIITLIDPWGNFRTTILSGFLYFLYVPIMIVFGRITSK
KSRRLLQDALEVLFQ
;
B
#
loop_
_chem_comp.id
_chem_comp.type
_chem_comp.name
_chem_comp.formula
GLC D-saccharide, alpha linking alpha-D-glucopyranose 'C6 H12 O6'
K non-polymer 'POTASSIUM ION' 'K 1'
LMT D-saccharide DODECYL-BETA-D-MALTOSIDE 'C24 H46 O11'
ZN non-polymer 'ZINC ION' 'Zn 2'
#
# COMPACT_ATOMS: atom_id res chain seq x y z
N GLN A 4 57.89 41.54 8.03
CA GLN A 4 57.04 41.16 9.15
C GLN A 4 56.72 39.66 9.13
N ARG A 5 56.46 39.10 10.34
CA ARG A 5 56.10 37.70 10.55
C ARG A 5 54.58 37.51 10.37
N GLN A 6 54.16 36.44 9.67
CA GLN A 6 52.75 36.16 9.41
C GLN A 6 52.45 34.66 9.44
N LEU A 7 51.42 34.25 10.20
CA LEU A 7 51.01 32.86 10.36
C LEU A 7 49.86 32.53 9.41
N VAL A 8 49.97 31.42 8.64
CA VAL A 8 48.96 30.99 7.65
C VAL A 8 48.52 29.55 7.94
N GLU A 9 47.30 29.38 8.48
CA GLU A 9 46.75 28.05 8.79
C GLU A 9 46.15 27.37 7.55
N SER A 10 46.11 26.04 7.58
CA SER A 10 45.55 25.22 6.49
C SER A 10 45.16 23.84 7.03
N GLY A 11 44.32 23.13 6.28
CA GLY A 11 43.82 21.81 6.65
C GLY A 11 42.42 21.78 7.24
N GLY A 12 41.68 22.88 7.11
CA GLY A 12 40.33 23.00 7.62
C GLY A 12 39.29 22.51 6.63
N GLY A 13 38.53 21.50 7.02
CA GLY A 13 37.48 20.94 6.19
C GLY A 13 36.49 20.11 6.97
N LEU A 14 35.51 19.53 6.27
CA LEU A 14 34.49 18.70 6.89
C LEU A 14 34.94 17.24 7.02
N VAL A 15 34.60 16.59 8.16
CA VAL A 15 34.90 15.17 8.40
C VAL A 15 33.82 14.49 9.26
N GLN A 16 33.83 13.14 9.27
CA GLN A 16 32.86 12.33 10.03
C GLN A 16 33.37 12.04 11.45
N PRO A 17 32.51 12.03 12.51
CA PRO A 17 33.02 11.72 13.86
C PRO A 17 33.74 10.38 13.95
N GLY A 18 35.04 10.44 14.24
CA GLY A 18 35.93 9.28 14.28
C GLY A 18 37.07 9.47 13.29
N GLY A 19 36.81 10.25 12.22
CA GLY A 19 37.79 10.58 11.20
C GLY A 19 38.90 11.49 11.72
N SER A 20 39.80 11.90 10.81
CA SER A 20 40.97 12.69 11.17
C SER A 20 41.26 13.86 10.24
N LEU A 21 41.99 14.88 10.77
CA LEU A 21 42.40 16.09 10.05
C LEU A 21 43.74 16.56 10.59
N ARG A 22 44.63 17.01 9.69
CA ARG A 22 45.95 17.53 10.05
C ARG A 22 46.02 19.01 9.72
N LEU A 23 45.89 19.86 10.76
CA LEU A 23 46.03 21.30 10.55
C LEU A 23 47.52 21.63 10.53
N SER A 24 47.91 22.62 9.71
CA SER A 24 49.30 23.08 9.60
C SER A 24 49.30 24.60 9.57
N CYS A 25 50.22 25.22 10.32
CA CYS A 25 50.33 26.67 10.45
C CYS A 25 51.75 27.09 10.11
N ALA A 26 51.97 27.58 8.89
CA ALA A 26 53.28 28.00 8.41
C ALA A 26 53.52 29.47 8.71
N ALA A 27 54.77 29.82 9.05
CA ALA A 27 55.15 31.19 9.38
C ALA A 27 56.13 31.76 8.35
N SER A 28 56.28 33.11 8.32
CA SER A 28 57.22 33.82 7.44
C SER A 28 58.43 34.24 8.28
N GLY A 29 59.02 33.26 8.93
CA GLY A 29 60.16 33.46 9.81
C GLY A 29 60.55 32.17 10.49
N SER A 30 61.67 32.16 11.18
CA SER A 30 62.12 30.94 11.84
C SER A 30 61.37 30.70 13.15
N ILE A 31 60.84 29.48 13.30
CA ILE A 31 60.13 29.05 14.51
C ILE A 31 61.11 28.99 15.70
N LEU A 32 62.44 28.96 15.42
CA LEU A 32 63.52 29.01 16.42
C LEU A 32 63.40 30.27 17.29
N TYR A 33 62.94 31.41 16.71
CA TYR A 33 62.76 32.67 17.44
C TYR A 33 61.49 32.71 18.33
N PHE A 34 60.49 31.86 18.06
CA PHE A 34 59.28 31.84 18.88
C PHE A 34 59.50 31.05 20.17
N ASN A 35 58.95 31.54 21.28
CA ASN A 35 59.06 30.90 22.61
C ASN A 35 58.03 29.84 22.78
N ARG A 36 56.83 30.14 22.33
CA ARG A 36 55.67 29.25 22.41
C ARG A 36 54.95 29.30 21.10
N MET A 37 54.31 28.20 20.75
CA MET A 37 53.42 28.11 19.59
C MET A 37 52.27 27.23 20.02
N GLY A 38 51.08 27.53 19.54
CA GLY A 38 49.93 26.73 19.92
C GLY A 38 48.68 27.05 19.16
N TRP A 39 47.70 26.14 19.31
CA TRP A 39 46.39 26.18 18.64
C TRP A 39 45.27 26.53 19.63
N TYR A 40 44.41 27.47 19.22
CA TYR A 40 43.24 27.90 19.98
C TYR A 40 42.03 27.66 19.11
N ARG A 41 40.86 27.35 19.69
CA ARG A 41 39.63 27.14 18.92
C ARG A 41 38.49 28.01 19.41
N GLN A 42 37.62 28.46 18.48
CA GLN A 42 36.45 29.28 18.81
C GLN A 42 35.24 28.78 18.05
N ALA A 43 34.30 28.15 18.76
CA ALA A 43 33.03 27.67 18.18
C ALA A 43 32.06 28.85 18.06
N PRO A 44 31.02 28.77 17.21
CA PRO A 44 30.07 29.89 17.12
C PRO A 44 29.48 30.32 18.48
N GLY A 45 29.66 31.59 18.83
CA GLY A 45 29.13 32.16 20.08
C GLY A 45 29.71 31.59 21.35
N LYS A 46 31.05 31.45 21.40
CA LYS A 46 31.77 30.94 22.58
C LYS A 46 33.13 31.62 22.70
N GLN A 47 33.73 31.53 23.89
CA GLN A 47 35.03 32.16 24.18
C GLN A 47 36.19 31.41 23.54
N ARG A 48 37.40 32.02 23.56
CA ARG A 48 38.61 31.38 23.03
C ARG A 48 38.97 30.22 23.95
N GLU A 49 39.24 29.04 23.38
CA GLU A 49 39.60 27.83 24.13
C GLU A 49 40.93 27.31 23.61
N LEU A 50 41.96 27.26 24.47
CA LEU A 50 43.24 26.69 24.06
C LEU A 50 43.09 25.17 24.01
N VAL A 51 43.57 24.55 22.91
CA VAL A 51 43.55 23.09 22.74
C VAL A 51 44.94 22.50 23.00
N ALA A 52 46.01 23.16 22.50
CA ALA A 52 47.36 22.66 22.67
C ALA A 52 48.39 23.76 22.52
N ALA A 53 49.64 23.45 22.92
CA ALA A 53 50.78 24.37 22.83
C ALA A 53 52.08 23.60 22.91
N ILE A 54 53.16 24.17 22.35
CA ILE A 54 54.51 23.62 22.37
C ILE A 54 55.51 24.73 22.63
N THR A 55 56.34 24.60 23.67
CA THR A 55 57.34 25.62 24.00
C THR A 55 58.64 25.35 23.27
N SER A 56 59.52 26.36 23.22
CA SER A 56 60.83 26.21 22.58
C SER A 56 61.65 25.07 23.24
N GLY A 57 61.33 24.76 24.50
CA GLY A 57 61.91 23.65 25.24
C GLY A 57 61.27 22.29 24.95
N ASP A 58 60.48 22.19 23.85
CA ASP A 58 59.83 20.97 23.37
C ASP A 58 58.72 20.39 24.26
N SER A 59 58.29 21.06 25.36
CA SER A 59 57.25 20.52 26.24
C SER A 59 55.87 20.86 25.73
N THR A 60 55.04 19.82 25.49
CA THR A 60 53.68 19.96 24.98
C THR A 60 52.64 19.81 26.07
N ASN A 61 51.64 20.69 26.09
CA ASN A 61 50.53 20.67 27.05
C ASN A 61 49.23 20.75 26.29
N TYR A 62 48.18 20.06 26.76
CA TYR A 62 46.86 20.03 26.11
C TYR A 62 45.74 20.23 27.12
N ALA A 63 44.54 20.48 26.59
CA ALA A 63 43.32 20.64 27.38
C ALA A 63 42.64 19.26 27.50
N ASP A 64 42.00 19.00 28.66
CA ASP A 64 41.32 17.72 28.96
C ASP A 64 40.38 17.17 27.84
N PRO A 65 39.57 17.99 27.13
CA PRO A 65 38.72 17.43 26.08
C PRO A 65 39.50 16.78 24.93
N VAL A 66 40.52 17.48 24.42
CA VAL A 66 41.38 17.01 23.31
C VAL A 66 42.50 16.07 23.75
N LYS A 67 42.86 16.04 25.05
CA LYS A 67 43.92 15.17 25.58
C LYS A 67 43.65 13.70 25.20
N GLY A 68 44.69 13.02 24.74
CA GLY A 68 44.62 11.63 24.29
C GLY A 68 44.29 11.48 22.82
N ARG A 69 43.58 12.47 22.23
CA ARG A 69 43.14 12.43 20.84
C ARG A 69 43.99 13.29 19.90
N PHE A 70 44.41 14.49 20.33
CA PHE A 70 45.20 15.42 19.50
C PHE A 70 46.68 15.45 19.91
N THR A 71 47.60 15.61 18.94
CA THR A 71 49.06 15.72 19.21
C THR A 71 49.61 16.96 18.50
N ILE A 72 50.39 17.79 19.21
CA ILE A 72 50.98 18.99 18.63
C ILE A 72 52.41 18.67 18.24
N SER A 73 52.71 18.79 16.94
CA SER A 73 54.00 18.49 16.35
C SER A 73 54.56 19.79 15.77
N ARG A 74 55.88 19.82 15.58
CA ARG A 74 56.58 21.00 15.07
C ARG A 74 57.71 20.57 14.17
N ASP A 75 57.88 21.29 13.04
CA ASP A 75 58.93 21.04 12.06
C ASP A 75 59.63 22.36 11.83
N ASN A 76 60.84 22.49 12.37
CA ASN A 76 61.63 23.71 12.27
C ASN A 76 62.22 23.89 10.85
N ALA A 77 62.23 22.84 10.00
CA ALA A 77 62.70 22.95 8.62
C ALA A 77 61.61 23.64 7.79
N LYS A 78 60.39 23.11 7.86
CA LYS A 78 59.24 23.66 7.14
C LYS A 78 58.68 24.94 7.80
N ASN A 79 59.22 25.34 8.98
CA ASN A 79 58.76 26.52 9.73
C ASN A 79 57.25 26.42 9.88
N THR A 80 56.79 25.25 10.35
CA THR A 80 55.37 24.93 10.53
C THR A 80 55.13 24.15 11.82
N VAL A 81 54.04 24.49 12.51
CA VAL A 81 53.54 23.79 13.70
C VAL A 81 52.28 23.06 13.20
N TYR A 82 52.08 21.81 13.66
CA TYR A 82 51.00 20.94 13.18
C TYR A 82 50.10 20.48 14.31
N LEU A 83 48.80 20.27 14.02
CA LEU A 83 47.86 19.69 14.96
C LEU A 83 47.19 18.51 14.29
N GLN A 84 47.59 17.27 14.65
CA GLN A 84 47.01 16.06 14.10
C GLN A 84 45.83 15.77 14.98
N MET A 85 44.61 15.87 14.43
CA MET A 85 43.38 15.63 15.15
C MET A 85 42.87 14.25 14.74
N ASN A 86 42.75 13.32 15.70
CA ASN A 86 42.31 11.95 15.44
C ASN A 86 41.11 11.64 16.35
N SER A 87 40.23 10.70 15.91
CA SER A 87 39.05 10.27 16.67
C SER A 87 38.13 11.48 16.98
N LEU A 88 37.85 12.29 15.94
CA LEU A 88 37.08 13.52 16.07
C LEU A 88 35.61 13.32 16.51
N LYS A 89 35.05 14.36 17.17
CA LYS A 89 33.69 14.38 17.72
C LYS A 89 32.98 15.70 17.33
N PRO A 90 31.64 15.78 17.39
CA PRO A 90 30.97 17.06 17.08
C PRO A 90 31.33 18.22 18.01
N GLU A 91 31.70 17.90 19.27
CA GLU A 91 32.12 18.90 20.25
C GLU A 91 33.41 19.63 19.83
N ASP A 92 34.26 18.97 18.99
CA ASP A 92 35.49 19.58 18.50
C ASP A 92 35.24 20.72 17.52
N THR A 93 34.16 20.64 16.74
CA THR A 93 33.79 21.69 15.77
C THR A 93 34.07 23.11 16.28
N ALA A 94 34.81 23.90 15.47
CA ALA A 94 35.15 25.29 15.76
C ALA A 94 36.11 25.84 14.70
N VAL A 95 36.38 27.15 14.78
CA VAL A 95 37.37 27.81 13.93
C VAL A 95 38.69 27.71 14.70
N TYR A 96 39.68 27.01 14.15
CA TYR A 96 40.97 26.83 14.80
C TYR A 96 41.93 27.91 14.36
N TYR A 97 42.63 28.54 15.33
CA TYR A 97 43.60 29.62 15.13
C TYR A 97 44.97 29.22 15.64
N CYS A 98 46.02 29.68 14.96
CA CYS A 98 47.41 29.43 15.32
C CYS A 98 47.93 30.63 16.12
N ASN A 99 48.89 30.41 17.03
CA ASN A 99 49.41 31.48 17.89
C ASN A 99 50.90 31.29 18.17
N ALA A 100 51.70 32.37 18.03
CA ALA A 100 53.13 32.31 18.31
C ALA A 100 53.54 33.47 19.21
N LYS A 101 54.27 33.19 20.31
CA LYS A 101 54.75 34.21 21.26
C LYS A 101 56.25 34.35 21.11
N GLU A 102 56.77 35.59 20.96
CA GLU A 102 58.20 35.87 20.75
C GLU A 102 58.79 36.87 21.77
N LYS A 103 59.79 36.45 22.57
CA LYS A 103 60.50 37.37 23.48
C LYS A 103 61.56 38.09 22.64
N GLY A 104 61.42 39.41 22.49
CA GLY A 104 62.38 40.20 21.73
C GLY A 104 63.67 40.33 22.50
N TRP A 105 64.67 41.01 21.94
CA TRP A 105 65.96 41.19 22.63
C TRP A 105 65.78 41.81 24.03
N SER A 106 64.80 42.72 24.21
CA SER A 106 64.50 43.31 25.51
C SER A 106 63.41 42.51 26.26
N PHE A 107 63.04 42.93 27.49
CA PHE A 107 62.08 42.22 28.35
C PHE A 107 60.71 41.89 27.69
N SER A 108 60.12 42.80 26.88
CA SER A 108 58.78 42.62 26.30
C SER A 108 58.67 41.48 25.26
N LEU A 109 57.42 41.03 24.99
CA LEU A 109 57.10 39.94 24.05
C LEU A 109 56.10 40.34 22.94
N TYR A 110 55.98 39.50 21.90
CA TYR A 110 55.12 39.73 20.75
C TYR A 110 54.20 38.53 20.45
N ASP A 111 52.88 38.67 20.66
CA ASP A 111 51.93 37.60 20.31
C ASP A 111 51.56 37.77 18.83
N TYR A 112 51.60 36.69 18.05
CA TYR A 112 51.24 36.69 16.63
C TYR A 112 50.07 35.74 16.43
N TRP A 113 49.09 36.10 15.58
CA TRP A 113 47.94 35.25 15.27
C TRP A 113 47.77 35.11 13.77
N GLY A 114 46.92 34.18 13.36
CA GLY A 114 46.64 33.89 11.96
C GLY A 114 45.23 34.16 11.47
N GLN A 115 44.95 33.72 10.23
CA GLN A 115 43.66 33.88 9.54
C GLN A 115 42.54 33.14 10.23
N GLY A 116 42.80 31.86 10.51
CA GLY A 116 41.85 30.94 11.13
C GLY A 116 41.47 29.88 10.13
N THR A 117 41.24 28.64 10.58
CA THR A 117 40.85 27.55 9.68
C THR A 117 39.59 26.86 10.25
N PRO A 118 38.51 26.76 9.45
CA PRO A 118 37.27 26.17 9.95
C PRO A 118 37.29 24.65 9.95
N VAL A 119 36.89 24.01 11.05
CA VAL A 119 36.84 22.55 11.16
C VAL A 119 35.42 22.17 11.55
N THR A 120 34.75 21.34 10.71
CA THR A 120 33.37 20.91 10.94
C THR A 120 33.26 19.38 11.02
N VAL A 121 32.86 18.87 12.20
CA VAL A 121 32.69 17.44 12.46
C VAL A 121 31.19 17.20 12.48
N VAL A 122 30.61 16.90 11.31
CA VAL A 122 29.16 16.74 11.15
C VAL A 122 28.78 15.29 10.91
N LYS A 123 27.61 14.88 11.47
CA LYS A 123 27.01 13.56 11.33
C LYS A 123 25.52 13.73 11.19
N LEU A 124 24.91 13.10 10.18
CA LEU A 124 23.46 13.13 9.98
C LEU A 124 22.93 11.86 10.61
N VAL A 125 22.25 11.98 11.75
CA VAL A 125 21.72 10.80 12.46
C VAL A 125 20.21 10.76 12.29
N ILE A 126 19.66 9.57 11.94
CA ILE A 126 18.24 9.36 11.70
C ILE A 126 17.69 8.33 12.66
N TRP A 127 16.48 8.59 13.20
CA TRP A 127 15.78 7.67 14.11
C TRP A 127 14.53 7.15 13.40
N ILE A 128 14.45 5.83 13.18
CA ILE A 128 13.32 5.17 12.53
C ILE A 128 13.08 3.83 13.21
N ASN A 129 11.84 3.34 13.24
CA ASN A 129 11.52 2.07 13.93
C ASN A 129 12.19 0.86 13.28
N GLY A 130 12.65 -0.08 14.11
CA GLY A 130 13.29 -1.33 13.70
C GLY A 130 12.44 -2.22 12.80
N ASP A 131 11.10 -2.03 12.74
CA ASP A 131 10.25 -2.80 11.83
C ASP A 131 10.17 -2.16 10.43
N LYS A 132 11.01 -1.14 10.11
CA LYS A 132 11.04 -0.47 8.81
C LYS A 132 12.38 -0.71 8.10
N GLY A 133 12.47 -0.24 6.86
CA GLY A 133 13.65 -0.41 6.02
C GLY A 133 14.78 0.53 6.30
N TYR A 134 15.45 0.31 7.44
CA TYR A 134 16.59 1.13 7.89
C TYR A 134 17.86 0.83 7.09
N ASN A 135 18.04 -0.43 6.64
CA ASN A 135 19.19 -0.80 5.81
C ASN A 135 19.03 -0.13 4.43
N GLY A 136 17.81 -0.04 3.93
CA GLY A 136 17.51 0.64 2.68
C GLY A 136 17.68 2.15 2.81
N LEU A 137 17.27 2.70 3.97
CA LEU A 137 17.43 4.12 4.28
C LEU A 137 18.91 4.46 4.44
N ALA A 138 19.74 3.50 4.91
CA ALA A 138 21.19 3.67 5.01
C ALA A 138 21.80 3.72 3.62
N GLU A 139 21.31 2.90 2.65
CA GLU A 139 21.83 2.92 1.27
C GLU A 139 21.58 4.28 0.62
N VAL A 140 20.46 4.96 0.96
CA VAL A 140 20.17 6.32 0.49
C VAL A 140 21.19 7.25 1.17
N GLY A 141 21.43 7.03 2.46
CA GLY A 141 22.40 7.78 3.24
C GLY A 141 23.83 7.63 2.72
N LYS A 142 24.18 6.44 2.22
CA LYS A 142 25.51 6.19 1.65
C LYS A 142 25.65 6.93 0.31
N LYS A 143 24.54 7.02 -0.49
CA LYS A 143 24.57 7.80 -1.73
C LYS A 143 24.69 9.30 -1.41
N PHE A 144 24.14 9.73 -0.25
CA PHE A 144 24.23 11.13 0.20
C PHE A 144 25.69 11.48 0.53
N GLU A 145 26.40 10.60 1.28
CA GLU A 145 27.80 10.87 1.63
C GLU A 145 28.72 10.89 0.40
N LYS A 146 28.37 10.15 -0.67
CA LYS A 146 29.16 10.13 -1.92
C LYS A 146 29.06 11.49 -2.62
N ASP A 147 27.83 12.06 -2.69
CA ASP A 147 27.57 13.32 -3.37
C ASP A 147 27.90 14.59 -2.53
N THR A 148 27.88 14.50 -1.17
CA THR A 148 28.13 15.66 -0.30
C THR A 148 29.34 15.55 0.64
N GLY A 149 29.54 14.40 1.25
CA GLY A 149 30.61 14.15 2.22
C GLY A 149 30.15 14.05 3.65
N ILE A 150 28.81 14.07 3.91
CA ILE A 150 28.22 13.98 5.26
C ILE A 150 27.86 12.53 5.59
N LYS A 151 28.33 12.03 6.75
CA LYS A 151 28.04 10.68 7.23
C LYS A 151 26.55 10.59 7.58
N VAL A 152 25.90 9.44 7.26
CA VAL A 152 24.48 9.22 7.53
C VAL A 152 24.26 7.89 8.28
N THR A 153 24.28 7.93 9.62
CA THR A 153 24.03 6.74 10.43
C THR A 153 22.52 6.61 10.71
N VAL A 154 21.96 5.40 10.56
CA VAL A 154 20.53 5.16 10.82
C VAL A 154 20.42 4.36 12.13
N GLU A 155 19.59 4.83 13.06
CA GLU A 155 19.39 4.18 14.35
C GLU A 155 17.93 3.75 14.53
N HIS A 156 17.71 2.68 15.30
CA HIS A 156 16.39 2.14 15.59
C HIS A 156 16.28 1.73 17.07
N PRO A 157 16.21 2.74 17.97
CA PRO A 157 16.11 2.42 19.40
C PRO A 157 14.70 1.99 19.81
N ASP A 158 14.58 1.18 20.88
CA ASP A 158 13.28 0.72 21.35
C ASP A 158 12.54 1.86 22.04
N LYS A 159 11.20 1.92 21.87
CA LYS A 159 10.33 2.95 22.44
C LYS A 159 10.76 4.37 21.99
N LEU A 160 11.15 4.51 20.70
CA LEU A 160 11.64 5.79 20.18
C LEU A 160 10.56 6.87 20.13
N GLU A 161 9.29 6.47 19.98
CA GLU A 161 8.16 7.40 20.00
C GLU A 161 8.08 8.18 21.31
N GLU A 162 8.47 7.54 22.44
CA GLU A 162 8.48 8.14 23.78
C GLU A 162 9.90 8.44 24.29
N LYS A 163 10.96 7.98 23.59
CA LYS A 163 12.36 8.31 23.91
C LYS A 163 12.74 9.60 23.19
N PHE A 164 12.21 9.84 21.97
CA PHE A 164 12.50 11.07 21.22
C PHE A 164 12.13 12.37 21.97
N PRO A 165 10.89 12.56 22.47
CA PRO A 165 10.58 13.82 23.17
C PRO A 165 11.36 14.10 24.47
N GLN A 166 11.87 13.05 25.13
CA GLN A 166 12.64 13.18 26.37
C GLN A 166 14.10 13.55 26.02
N VAL A 167 14.69 12.86 25.03
CA VAL A 167 16.08 13.07 24.60
C VAL A 167 16.22 14.34 23.77
N ALA A 168 15.34 14.57 22.79
CA ALA A 168 15.43 15.75 21.93
C ALA A 168 15.21 17.06 22.67
N ALA A 169 14.36 17.04 23.72
CA ALA A 169 14.09 18.23 24.55
C ALA A 169 15.33 18.67 25.33
N THR A 170 15.94 17.71 26.06
CA THR A 170 17.11 17.93 26.89
C THR A 170 18.43 17.78 26.09
N GLY A 171 18.74 16.56 25.67
CA GLY A 171 19.96 16.24 24.92
C GLY A 171 19.94 16.66 23.47
N ASP A 172 20.85 16.08 22.67
CA ASP A 172 20.95 16.37 21.23
C ASP A 172 19.93 15.57 20.43
N GLY A 173 19.86 14.25 20.67
CA GLY A 173 18.92 13.37 19.97
C GLY A 173 19.23 13.25 18.48
N PRO A 174 18.23 12.93 17.65
CA PRO A 174 18.48 12.81 16.20
C PRO A 174 18.26 14.11 15.45
N ASP A 175 18.76 14.16 14.22
CA ASP A 175 18.57 15.32 13.34
C ASP A 175 17.19 15.18 12.69
N ILE A 176 16.78 13.94 12.36
CA ILE A 176 15.47 13.64 11.77
C ILE A 176 14.83 12.41 12.44
N ILE A 177 13.52 12.49 12.70
CA ILE A 177 12.72 11.45 13.38
C ILE A 177 11.66 10.91 12.41
N PHE A 178 11.57 9.57 12.27
CA PHE A 178 10.57 8.91 11.43
C PHE A 178 9.56 8.16 12.29
N TRP A 179 8.31 8.56 12.21
CA TRP A 179 7.24 7.89 12.92
C TRP A 179 5.90 8.25 12.21
N ALA A 180 4.82 7.49 12.43
CA ALA A 180 3.51 7.84 11.86
C ALA A 180 3.12 9.27 12.31
N HIS A 181 2.44 10.02 11.46
CA HIS A 181 2.06 11.42 11.73
C HIS A 181 1.26 11.71 13.03
N ASP A 182 0.62 10.70 13.65
CA ASP A 182 -0.19 10.91 14.85
C ASP A 182 0.59 11.44 16.06
N ARG A 183 1.84 10.99 16.24
CA ARG A 183 2.70 11.40 17.36
C ARG A 183 3.31 12.81 17.18
N PHE A 184 3.23 13.39 15.97
CA PHE A 184 3.89 14.65 15.66
C PHE A 184 3.17 15.91 16.16
N GLY A 185 1.88 15.83 16.48
CA GLY A 185 1.17 16.97 17.04
C GLY A 185 1.65 17.29 18.44
N GLY A 186 1.95 16.25 19.21
CA GLY A 186 2.49 16.39 20.55
C GLY A 186 3.89 16.96 20.53
N TYR A 187 4.69 16.59 19.51
CA TYR A 187 6.05 17.11 19.35
C TYR A 187 5.96 18.57 18.91
N ALA A 188 5.00 18.91 18.01
CA ALA A 188 4.78 20.27 17.51
C ALA A 188 4.31 21.23 18.62
N GLN A 189 3.38 20.78 19.48
CA GLN A 189 2.90 21.59 20.61
C GLN A 189 4.05 21.85 21.60
N SER A 190 4.80 20.78 21.94
CA SER A 190 5.94 20.83 22.85
C SER A 190 7.12 21.68 22.33
N GLY A 191 7.17 21.95 21.02
CA GLY A 191 8.21 22.74 20.40
C GLY A 191 9.47 21.95 20.10
N LEU A 192 9.30 20.68 19.72
CA LEU A 192 10.41 19.77 19.43
C LEU A 192 10.62 19.55 17.92
N LEU A 193 9.85 20.25 17.03
CA LEU A 193 9.99 20.09 15.59
C LEU A 193 10.09 21.43 14.87
N ALA A 194 11.10 21.54 13.97
CA ALA A 194 11.29 22.72 13.14
C ALA A 194 10.21 22.76 12.05
N GLU A 195 9.71 23.96 11.72
CA GLU A 195 8.67 24.14 10.70
C GLU A 195 9.26 23.80 9.33
N ILE A 196 8.56 22.99 8.55
CA ILE A 196 9.01 22.56 7.23
C ILE A 196 8.64 23.64 6.22
N THR A 197 9.60 24.06 5.38
CA THR A 197 9.36 25.05 4.33
C THR A 197 9.86 24.48 3.00
N PRO A 198 9.04 23.63 2.34
CA PRO A 198 9.47 23.05 1.06
C PRO A 198 8.97 23.89 -0.11
N ASP A 199 9.80 24.05 -1.16
CA ASP A 199 9.41 24.80 -2.37
C ASP A 199 8.21 24.15 -3.09
N LYS A 200 7.49 24.95 -3.90
CA LYS A 200 6.29 24.50 -4.64
C LYS A 200 6.58 23.25 -5.47
N ALA A 201 7.68 23.25 -6.24
CA ALA A 201 8.09 22.14 -7.10
C ALA A 201 8.17 20.82 -6.33
N PHE A 202 8.73 20.85 -5.11
CA PHE A 202 8.81 19.66 -4.28
C PHE A 202 7.44 19.30 -3.69
N GLN A 203 6.69 20.31 -3.22
CA GLN A 203 5.35 20.12 -2.64
C GLN A 203 4.44 19.40 -3.64
N ASP A 204 4.50 19.81 -4.92
CA ASP A 204 3.69 19.23 -5.99
C ASP A 204 4.01 17.76 -6.27
N LYS A 205 5.22 17.25 -5.94
CA LYS A 205 5.58 15.85 -6.19
C LYS A 205 4.77 14.82 -5.38
N LEU A 206 4.23 15.22 -4.21
CA LEU A 206 3.46 14.31 -3.31
C LEU A 206 1.97 14.60 -3.40
N TYR A 207 1.12 13.68 -2.91
CA TYR A 207 -0.34 13.84 -2.96
C TYR A 207 -0.79 14.94 -1.99
N PRO A 208 -1.65 15.91 -2.41
CA PRO A 208 -2.06 16.98 -1.48
C PRO A 208 -2.77 16.52 -0.20
N PHE A 209 -3.35 15.30 -0.17
CA PHE A 209 -3.98 14.76 1.04
C PHE A 209 -2.92 14.34 2.09
N THR A 210 -1.71 13.89 1.64
CA THR A 210 -0.64 13.47 2.55
C THR A 210 -0.06 14.65 3.32
N TRP A 211 0.04 15.81 2.65
CA TRP A 211 0.53 17.04 3.26
C TRP A 211 -0.36 17.54 4.42
N ASP A 212 -1.65 17.21 4.41
CA ASP A 212 -2.59 17.62 5.46
C ASP A 212 -2.35 16.89 6.78
N ALA A 213 -1.99 15.59 6.69
CA ALA A 213 -1.71 14.74 7.86
C ALA A 213 -0.51 15.24 8.67
N VAL A 214 0.46 15.85 7.99
CA VAL A 214 1.67 16.41 8.61
C VAL A 214 1.55 17.94 8.81
N ARG A 215 0.32 18.47 9.02
CA ARG A 215 0.09 19.89 9.22
C ARG A 215 -0.57 20.13 10.59
N TYR A 216 0.10 20.90 11.49
CA TYR A 216 -0.44 21.21 12.82
C TYR A 216 -0.54 22.72 12.99
N ASN A 217 -1.77 23.24 13.13
CA ASN A 217 -2.06 24.67 13.29
C ASN A 217 -1.53 25.51 12.12
N GLY A 218 -1.85 25.05 10.90
CA GLY A 218 -1.45 25.71 9.66
C GLY A 218 0.04 25.72 9.34
N LYS A 219 0.83 24.86 10.01
CA LYS A 219 2.27 24.78 9.79
C LYS A 219 2.64 23.34 9.44
N LEU A 220 3.46 23.13 8.39
CA LEU A 220 3.94 21.80 8.02
C LEU A 220 5.01 21.41 9.02
N ILE A 221 4.83 20.28 9.73
CA ILE A 221 5.76 19.83 10.76
C ILE A 221 6.58 18.59 10.37
N ALA A 222 6.35 18.00 9.17
CA ALA A 222 7.10 16.83 8.71
C ALA A 222 6.90 16.60 7.22
N TYR A 223 7.72 15.71 6.63
CA TYR A 223 7.64 15.34 5.22
C TYR A 223 6.90 14.01 5.12
N PRO A 224 5.77 13.89 4.38
CA PRO A 224 5.08 12.59 4.31
C PRO A 224 5.79 11.60 3.39
N ILE A 225 6.04 10.38 3.91
CA ILE A 225 6.70 9.31 3.17
C ILE A 225 5.67 8.37 2.56
N ALA A 226 4.86 7.70 3.38
CA ALA A 226 3.94 6.69 2.88
C ALA A 226 2.74 6.43 3.76
N VAL A 227 1.63 5.98 3.13
CA VAL A 227 0.39 5.64 3.83
C VAL A 227 0.43 4.15 4.25
N GLU A 228 0.15 3.91 5.53
CA GLU A 228 0.18 2.59 6.15
C GLU A 228 -1.20 2.20 6.62
N ALA A 229 -1.51 0.92 6.55
CA ALA A 229 -2.78 0.39 7.01
C ALA A 229 -2.67 -1.11 7.17
N LEU A 230 -3.04 -1.63 8.36
CA LEU A 230 -3.02 -3.06 8.64
C LEU A 230 -3.97 -3.83 7.70
N SER A 231 -3.60 -5.07 7.35
CA SER A 231 -4.39 -5.96 6.51
C SER A 231 -4.26 -7.38 7.01
N LEU A 232 -5.19 -8.23 6.59
CA LEU A 232 -5.21 -9.62 7.00
C LEU A 232 -4.25 -10.39 6.11
N ILE A 233 -3.14 -10.86 6.68
CA ILE A 233 -2.15 -11.67 5.97
C ILE A 233 -2.55 -13.11 6.26
N TYR A 234 -2.62 -13.98 5.23
CA TYR A 234 -3.06 -15.37 5.40
C TYR A 234 -2.28 -16.39 4.54
N ASN A 235 -2.04 -17.59 5.10
CA ASN A 235 -1.36 -18.67 4.39
C ASN A 235 -2.38 -19.34 3.47
N LYS A 236 -2.17 -19.23 2.15
CA LYS A 236 -3.07 -19.81 1.15
C LYS A 236 -3.06 -21.35 1.17
N ASP A 237 -1.95 -21.96 1.64
CA ASP A 237 -1.82 -23.41 1.69
C ASP A 237 -2.61 -23.98 2.88
N LEU A 238 -2.54 -23.35 4.06
CA LEU A 238 -3.33 -23.79 5.21
C LEU A 238 -4.77 -23.27 5.12
N LEU A 239 -5.00 -22.19 4.35
CA LEU A 239 -6.31 -21.55 4.29
C LEU A 239 -6.56 -20.84 2.93
N PRO A 240 -7.09 -21.55 1.91
CA PRO A 240 -7.31 -20.90 0.59
C PRO A 240 -8.44 -19.87 0.56
N ASN A 241 -9.58 -20.17 1.24
CA ASN A 241 -10.74 -19.29 1.34
C ASN A 241 -10.79 -18.75 2.78
N PRO A 242 -10.00 -17.70 3.11
CA PRO A 242 -9.98 -17.21 4.50
C PRO A 242 -11.25 -16.49 4.96
N PRO A 243 -11.42 -16.33 6.29
CA PRO A 243 -12.63 -15.69 6.80
C PRO A 243 -12.87 -14.25 6.37
N LYS A 244 -14.11 -13.96 5.96
CA LYS A 244 -14.55 -12.62 5.63
C LYS A 244 -15.10 -11.96 6.91
N THR A 245 -15.41 -12.76 7.97
CA THR A 245 -15.94 -12.27 9.24
C THR A 245 -15.14 -12.81 10.45
N TRP A 246 -15.09 -12.01 11.54
CA TRP A 246 -14.37 -12.38 12.77
C TRP A 246 -15.09 -13.52 13.50
N GLU A 247 -16.44 -13.53 13.48
CA GLU A 247 -17.27 -14.51 14.17
C GLU A 247 -17.13 -15.97 13.70
N GLU A 248 -16.54 -16.21 12.52
CA GLU A 248 -16.28 -17.57 12.03
C GLU A 248 -14.82 -18.01 12.26
N ILE A 249 -14.01 -17.23 13.04
CA ILE A 249 -12.63 -17.61 13.37
C ILE A 249 -12.61 -18.70 14.45
N PRO A 250 -13.42 -18.63 15.53
CA PRO A 250 -13.39 -19.70 16.55
C PRO A 250 -13.63 -21.10 15.98
N ALA A 251 -14.54 -21.20 15.00
CA ALA A 251 -14.84 -22.44 14.29
C ALA A 251 -13.62 -22.89 13.50
N LEU A 252 -12.98 -21.94 12.78
CA LEU A 252 -11.78 -22.22 12.01
C LEU A 252 -10.60 -22.63 12.92
N ASP A 253 -10.51 -22.02 14.12
CA ASP A 253 -9.47 -22.36 15.10
C ASP A 253 -9.69 -23.76 15.67
N LYS A 254 -10.95 -24.16 15.94
CA LYS A 254 -11.25 -25.51 16.42
C LYS A 254 -10.82 -26.51 15.35
N GLU A 255 -11.12 -26.20 14.07
CA GLU A 255 -10.74 -27.02 12.92
C GLU A 255 -9.21 -27.12 12.79
N LEU A 256 -8.50 -25.98 12.92
CA LEU A 256 -7.04 -25.93 12.80
C LEU A 256 -6.26 -26.48 13.99
N LYS A 257 -6.74 -26.28 15.23
CA LYS A 257 -6.05 -26.82 16.42
C LYS A 257 -5.98 -28.35 16.42
N ALA A 258 -6.95 -29.01 15.74
CA ALA A 258 -6.95 -30.48 15.58
C ALA A 258 -5.74 -30.94 14.74
N LYS A 259 -5.25 -30.07 13.82
CA LYS A 259 -4.09 -30.34 12.96
C LYS A 259 -2.79 -29.67 13.48
N GLY A 260 -2.73 -29.33 14.77
CA GLY A 260 -1.57 -28.72 15.39
C GLY A 260 -1.26 -27.31 14.93
N LYS A 261 -2.27 -26.55 14.48
CA LYS A 261 -2.09 -25.19 13.96
C LYS A 261 -3.07 -24.19 14.59
N SER A 262 -2.69 -22.90 14.60
CA SER A 262 -3.54 -21.82 15.10
C SER A 262 -4.27 -21.20 13.92
N ALA A 263 -5.28 -20.38 14.19
CA ALA A 263 -6.04 -19.69 13.14
C ALA A 263 -5.51 -18.28 12.93
N LEU A 264 -5.35 -17.52 14.02
CA LEU A 264 -4.92 -16.13 13.96
C LEU A 264 -4.04 -15.78 15.16
N MET A 265 -2.85 -15.24 14.89
CA MET A 265 -1.93 -14.73 15.89
C MET A 265 -1.46 -13.37 15.43
N PHE A 266 -1.65 -12.36 16.25
CA PHE A 266 -1.22 -11.00 15.93
C PHE A 266 -0.85 -10.28 17.23
N ASN A 267 -0.14 -9.16 17.14
CA ASN A 267 0.29 -8.45 18.34
C ASN A 267 -0.89 -7.87 19.15
N LEU A 268 -1.17 -8.48 20.32
CA LEU A 268 -2.23 -8.04 21.21
C LEU A 268 -1.73 -7.01 22.21
N GLN A 269 -0.41 -6.88 22.40
CA GLN A 269 0.17 -5.93 23.36
C GLN A 269 -0.01 -4.48 22.88
N GLU A 270 0.35 -4.22 21.61
CA GLU A 270 0.21 -2.89 21.01
C GLU A 270 -1.26 -2.68 20.58
N PRO A 271 -1.95 -1.61 21.05
CA PRO A 271 -3.37 -1.41 20.72
C PRO A 271 -3.72 -1.06 19.26
N TYR A 272 -2.74 -0.71 18.45
CA TYR A 272 -2.89 -0.40 17.03
C TYR A 272 -3.44 -1.60 16.25
N PHE A 273 -3.08 -2.81 16.68
CA PHE A 273 -3.49 -4.06 16.01
C PHE A 273 -4.86 -4.58 16.47
N THR A 274 -5.28 -4.27 17.70
CA THR A 274 -6.58 -4.68 18.25
C THR A 274 -7.66 -3.64 17.96
N TRP A 275 -7.29 -2.34 17.87
CA TRP A 275 -8.21 -1.23 17.56
C TRP A 275 -9.18 -1.48 16.38
N PRO A 276 -8.77 -2.13 15.25
CA PRO A 276 -9.73 -2.31 14.15
C PRO A 276 -10.96 -3.12 14.57
N LEU A 277 -10.74 -4.25 15.24
CA LEU A 277 -11.83 -5.10 15.77
C LEU A 277 -12.64 -4.31 16.80
N ILE A 278 -11.96 -3.56 17.69
CA ILE A 278 -12.59 -2.73 18.72
C ILE A 278 -13.49 -1.63 18.10
N ALA A 279 -13.03 -0.97 17.02
CA ALA A 279 -13.79 0.09 16.36
C ALA A 279 -14.55 -0.38 15.12
N ALA A 280 -14.95 -1.66 15.05
CA ALA A 280 -15.66 -2.20 13.88
C ALA A 280 -17.13 -1.74 13.80
N ASP A 281 -17.86 -1.80 14.92
CA ASP A 281 -19.25 -1.38 15.00
C ASP A 281 -19.33 0.12 15.39
N GLY A 282 -18.46 0.55 16.31
CA GLY A 282 -18.38 1.94 16.76
C GLY A 282 -16.95 2.39 17.02
N ASN A 302 -18.51 3.22 24.31
CA ASN A 302 -19.73 2.98 23.55
C ASN A 302 -20.01 1.48 23.37
N ALA A 303 -21.19 1.16 22.79
CA ALA A 303 -21.61 -0.22 22.54
C ALA A 303 -20.69 -0.96 21.55
N GLY A 304 -20.14 -0.23 20.58
CA GLY A 304 -19.24 -0.79 19.58
C GLY A 304 -17.90 -1.22 20.13
N ALA A 305 -17.36 -0.47 21.11
CA ALA A 305 -16.09 -0.81 21.76
C ALA A 305 -16.30 -1.98 22.72
N LYS A 306 -17.42 -1.97 23.47
CA LYS A 306 -17.79 -3.04 24.42
C LYS A 306 -18.01 -4.34 23.63
N ALA A 307 -18.75 -4.27 22.51
CA ALA A 307 -19.01 -5.42 21.64
C ALA A 307 -17.73 -5.97 21.03
N GLY A 308 -16.87 -5.08 20.54
CA GLY A 308 -15.61 -5.44 19.92
C GLY A 308 -14.59 -6.04 20.86
N LEU A 309 -14.43 -5.45 22.06
CA LEU A 309 -13.46 -5.94 23.03
C LEU A 309 -13.91 -7.24 23.72
N THR A 310 -15.23 -7.42 23.95
CA THR A 310 -15.75 -8.66 24.56
C THR A 310 -15.40 -9.87 23.67
N PHE A 311 -15.51 -9.72 22.33
CA PHE A 311 -15.17 -10.80 21.39
C PHE A 311 -13.67 -11.14 21.51
N LEU A 312 -12.81 -10.11 21.56
CA LEU A 312 -11.36 -10.30 21.69
C LEU A 312 -11.04 -11.02 23.00
N VAL A 313 -11.73 -10.66 24.09
CA VAL A 313 -11.56 -11.30 25.39
C VAL A 313 -12.05 -12.76 25.32
N ASP A 314 -13.19 -13.01 24.64
CA ASP A 314 -13.72 -14.36 24.49
C ASP A 314 -12.74 -15.28 23.74
N LEU A 315 -11.97 -14.75 22.76
CA LEU A 315 -10.99 -15.55 22.03
C LEU A 315 -9.89 -16.06 22.97
N ILE A 316 -9.42 -15.18 23.87
CA ILE A 316 -8.39 -15.55 24.85
C ILE A 316 -8.99 -16.43 25.94
N LYS A 317 -10.25 -16.16 26.34
CA LYS A 317 -10.96 -16.95 27.36
C LYS A 317 -11.23 -18.38 26.86
N ASN A 318 -11.44 -18.54 25.52
CA ASN A 318 -11.65 -19.86 24.90
C ASN A 318 -10.32 -20.54 24.48
N LYS A 319 -9.14 -19.99 24.90
CA LYS A 319 -7.80 -20.51 24.62
C LYS A 319 -7.47 -20.58 23.11
N HIS A 320 -8.10 -19.71 22.29
CA HIS A 320 -7.82 -19.66 20.86
C HIS A 320 -6.55 -18.83 20.64
N MET A 321 -6.45 -17.69 21.35
CA MET A 321 -5.30 -16.79 21.31
C MET A 321 -4.58 -16.81 22.67
N ASN A 322 -3.24 -16.72 22.65
CA ASN A 322 -2.44 -16.69 23.88
C ASN A 322 -2.57 -15.31 24.51
N ALA A 323 -2.42 -15.24 25.84
CA ALA A 323 -2.53 -13.98 26.59
C ALA A 323 -1.48 -12.95 26.15
N ASP A 324 -0.19 -13.27 26.29
CA ASP A 324 0.90 -12.34 25.95
C ASP A 324 1.43 -12.53 24.51
N THR A 325 0.52 -12.46 23.52
CA THR A 325 0.92 -12.58 22.11
C THR A 325 1.50 -11.24 21.67
N ASP A 326 2.83 -11.20 21.48
CA ASP A 326 3.54 -10.00 21.05
C ASP A 326 3.87 -10.07 19.54
N TYR A 327 4.53 -9.02 19.03
CA TYR A 327 4.92 -8.92 17.61
C TYR A 327 5.86 -10.06 17.19
N SER A 328 6.85 -10.39 18.03
CA SER A 328 7.85 -11.40 17.68
C SER A 328 7.30 -12.83 17.63
N ILE A 329 6.51 -13.27 18.63
CA ILE A 329 6.00 -14.64 18.62
C ILE A 329 4.85 -14.81 17.60
N ALA A 330 4.19 -13.72 17.17
CA ALA A 330 3.12 -13.79 16.15
C ALA A 330 3.74 -13.85 14.75
N GLU A 331 4.75 -12.99 14.49
CA GLU A 331 5.48 -12.96 13.21
C GLU A 331 6.15 -14.30 12.98
N ALA A 332 6.95 -14.74 13.97
CA ALA A 332 7.67 -16.02 13.91
C ALA A 332 6.71 -17.19 13.67
N ALA A 333 5.55 -17.20 14.35
CA ALA A 333 4.55 -18.25 14.19
C ALA A 333 3.98 -18.30 12.78
N PHE A 334 3.64 -17.14 12.19
CA PHE A 334 3.10 -17.08 10.83
C PHE A 334 4.17 -17.49 9.82
N ASN A 335 5.38 -16.92 9.97
CA ASN A 335 6.51 -17.21 9.08
C ASN A 335 6.94 -18.69 9.16
N LYS A 336 6.89 -19.30 10.37
CA LYS A 336 7.23 -20.71 10.55
C LYS A 336 6.16 -21.64 9.94
N GLY A 337 4.92 -21.13 9.83
CA GLY A 337 3.78 -21.87 9.31
C GLY A 337 3.00 -22.55 10.40
N GLU A 338 2.99 -21.98 11.62
CA GLU A 338 2.28 -22.50 12.80
C GLU A 338 0.86 -21.89 12.91
N THR A 339 0.63 -20.68 12.35
CA THR A 339 -0.68 -20.03 12.34
C THR A 339 -1.13 -19.79 10.88
N ALA A 340 -2.43 -19.87 10.63
CA ALA A 340 -2.99 -19.68 9.30
C ALA A 340 -3.06 -18.21 8.92
N MET A 341 -3.27 -17.30 9.91
CA MET A 341 -3.38 -15.86 9.64
C MET A 341 -2.60 -14.99 10.62
N THR A 342 -2.49 -13.70 10.27
CA THR A 342 -1.88 -12.65 11.09
C THR A 342 -2.28 -11.27 10.55
N ILE A 343 -2.22 -10.25 11.40
CA ILE A 343 -2.58 -8.88 11.07
C ILE A 343 -1.31 -8.08 11.19
N ASN A 344 -0.83 -7.52 10.08
CA ASN A 344 0.39 -6.72 10.07
C ASN A 344 0.37 -5.74 8.89
N GLY A 345 1.31 -4.82 8.87
CA GLY A 345 1.38 -3.80 7.85
C GLY A 345 2.31 -4.10 6.70
N PRO A 346 2.42 -3.13 5.75
CA PRO A 346 3.27 -3.31 4.56
C PRO A 346 4.69 -3.82 4.82
N TRP A 347 5.35 -3.19 5.78
CA TRP A 347 6.69 -3.52 6.26
C TRP A 347 6.93 -5.03 6.56
N ALA A 348 5.90 -5.76 7.00
CA ALA A 348 6.00 -7.16 7.39
C ALA A 348 6.15 -8.15 6.24
N TRP A 349 5.86 -7.74 5.01
CA TRP A 349 5.86 -8.64 3.86
C TRP A 349 7.25 -9.16 3.47
N SER A 350 8.28 -8.33 3.57
CA SER A 350 9.65 -8.71 3.21
C SER A 350 10.14 -9.94 3.97
N ASN A 351 9.84 -10.03 5.28
CA ASN A 351 10.25 -11.18 6.11
C ASN A 351 9.47 -12.46 5.75
N ILE A 352 8.21 -12.32 5.25
CA ILE A 352 7.42 -13.49 4.82
C ILE A 352 8.02 -13.96 3.49
N ASP A 353 8.29 -13.04 2.54
CA ASP A 353 8.92 -13.38 1.25
C ASP A 353 10.19 -14.21 1.50
N THR A 354 11.00 -13.81 2.52
CA THR A 354 12.23 -14.50 2.91
C THR A 354 11.93 -15.94 3.34
N SER A 355 10.83 -16.15 4.10
CA SER A 355 10.41 -17.49 4.49
C SER A 355 9.72 -18.20 3.30
N LYS A 356 9.58 -19.52 3.37
CA LYS A 356 8.93 -20.30 2.30
C LYS A 356 7.43 -20.46 2.63
N VAL A 357 6.69 -19.33 2.56
CA VAL A 357 5.25 -19.27 2.86
C VAL A 357 4.54 -18.60 1.67
N ASN A 358 3.52 -19.27 1.10
CA ASN A 358 2.71 -18.70 0.01
C ASN A 358 1.59 -17.91 0.70
N TYR A 359 1.87 -16.63 0.92
CA TYR A 359 1.01 -15.71 1.65
C TYR A 359 0.14 -14.86 0.75
N GLY A 360 -0.91 -14.33 1.36
CA GLY A 360 -1.88 -13.46 0.72
C GLY A 360 -2.33 -12.38 1.69
N VAL A 361 -2.44 -11.16 1.20
CA VAL A 361 -2.87 -9.99 1.95
C VAL A 361 -4.29 -9.69 1.49
N THR A 362 -5.23 -9.54 2.44
CA THR A 362 -6.63 -9.28 2.10
C THR A 362 -7.32 -8.37 3.09
N VAL A 363 -8.60 -8.08 2.83
CA VAL A 363 -9.43 -7.23 3.67
C VAL A 363 -9.52 -7.80 5.09
N LEU A 364 -9.54 -6.92 6.11
CA LEU A 364 -9.65 -7.37 7.50
C LEU A 364 -11.04 -7.96 7.70
N PRO A 365 -11.23 -8.94 8.62
CA PRO A 365 -12.57 -9.53 8.75
C PRO A 365 -13.61 -8.56 9.32
N THR A 366 -14.87 -8.73 8.93
CA THR A 366 -15.97 -7.90 9.40
C THR A 366 -16.40 -8.39 10.77
N PHE A 367 -16.97 -7.51 11.58
CA PHE A 367 -17.48 -7.87 12.91
C PHE A 367 -18.86 -7.24 13.06
N LYS A 368 -19.90 -8.07 13.34
CA LYS A 368 -21.30 -7.67 13.46
C LYS A 368 -21.79 -7.07 12.12
N GLY A 369 -21.35 -7.65 11.01
CA GLY A 369 -21.73 -7.23 9.67
C GLY A 369 -20.89 -6.09 9.11
N GLN A 370 -20.65 -5.05 9.93
CA GLN A 370 -19.85 -3.88 9.56
C GLN A 370 -18.34 -4.24 9.48
N PRO A 371 -17.51 -3.45 8.77
CA PRO A 371 -16.09 -3.79 8.67
C PRO A 371 -15.24 -3.28 9.83
N SER A 372 -14.09 -3.92 10.06
CA SER A 372 -13.14 -3.52 11.09
C SER A 372 -12.43 -2.25 10.60
N LYS A 373 -12.50 -1.16 11.37
CA LYS A 373 -11.96 0.14 10.99
C LYS A 373 -10.55 0.34 11.57
N PRO A 374 -9.46 0.01 10.83
CA PRO A 374 -8.13 0.24 11.37
C PRO A 374 -7.82 1.75 11.40
N PHE A 375 -6.67 2.12 11.99
CA PHE A 375 -6.28 3.53 12.04
C PHE A 375 -5.21 3.70 10.98
N VAL A 376 -5.38 4.68 10.07
CA VAL A 376 -4.44 4.88 8.96
C VAL A 376 -3.33 5.82 9.39
N GLY A 377 -2.09 5.36 9.25
CA GLY A 377 -0.90 6.11 9.59
C GLY A 377 -0.20 6.60 8.34
N VAL A 378 0.51 7.72 8.48
CA VAL A 378 1.31 8.31 7.41
C VAL A 378 2.72 8.42 7.95
N LEU A 379 3.62 7.54 7.49
CA LEU A 379 5.02 7.59 7.93
C LEU A 379 5.58 8.95 7.51
N SER A 380 6.14 9.72 8.45
CA SER A 380 6.62 11.07 8.14
C SER A 380 7.95 11.41 8.79
N ALA A 381 8.80 12.14 8.07
CA ALA A 381 10.12 12.56 8.56
C ALA A 381 10.09 14.03 9.01
N GLY A 382 10.27 14.27 10.32
CA GLY A 382 10.30 15.60 10.89
C GLY A 382 11.69 15.99 11.35
N ILE A 383 12.08 17.26 11.18
CA ILE A 383 13.41 17.74 11.57
C ILE A 383 13.36 18.21 13.02
N ASN A 384 14.33 17.74 13.85
CA ASN A 384 14.41 18.09 15.27
C ASN A 384 14.75 19.57 15.43
N ALA A 385 13.93 20.31 16.19
CA ALA A 385 14.11 21.74 16.46
C ALA A 385 15.49 22.09 17.04
N ALA A 386 16.06 21.20 17.88
CA ALA A 386 17.37 21.42 18.51
C ALA A 386 18.50 20.73 17.71
N SER A 387 18.55 20.95 16.39
CA SER A 387 19.54 20.36 15.49
C SER A 387 20.27 21.47 14.70
N PRO A 388 21.61 21.46 14.59
CA PRO A 388 22.27 22.48 13.76
C PRO A 388 22.29 22.12 12.26
N ASN A 389 21.93 20.86 11.91
CA ASN A 389 21.95 20.35 10.53
C ASN A 389 20.55 20.35 9.90
N LYS A 390 19.81 21.47 10.01
CA LYS A 390 18.44 21.56 9.46
C LYS A 390 18.41 21.62 7.94
N GLU A 391 19.26 22.46 7.33
CA GLU A 391 19.31 22.58 5.86
C GLU A 391 19.98 21.36 5.20
N LEU A 392 20.82 20.61 5.94
CA LEU A 392 21.48 19.41 5.41
C LEU A 392 20.46 18.24 5.41
N ALA A 393 19.58 18.18 6.44
CA ALA A 393 18.53 17.17 6.53
C ALA A 393 17.44 17.43 5.48
N LYS A 394 17.06 18.71 5.26
CA LYS A 394 16.08 19.10 4.24
C LYS A 394 16.54 18.56 2.87
N GLU A 395 17.82 18.80 2.53
CA GLU A 395 18.47 18.31 1.31
C GLU A 395 18.28 16.80 1.18
N PHE A 396 18.66 16.07 2.25
CA PHE A 396 18.56 14.62 2.31
C PHE A 396 17.14 14.17 2.11
N LEU A 397 16.22 14.71 2.91
CA LEU A 397 14.81 14.31 2.78
C LEU A 397 14.25 14.61 1.39
N GLU A 398 14.44 15.84 0.90
CA GLU A 398 13.90 16.26 -0.40
C GLU A 398 14.59 15.65 -1.63
N ASN A 399 15.85 16.01 -1.85
CA ASN A 399 16.60 15.62 -3.04
C ASN A 399 17.09 14.16 -3.07
N TYR A 400 17.09 13.43 -1.93
CA TYR A 400 17.61 12.07 -1.91
C TYR A 400 16.60 11.02 -1.47
N LEU A 401 15.92 11.18 -0.31
CA LEU A 401 14.95 10.18 0.13
C LEU A 401 13.65 10.22 -0.68
N LEU A 402 12.95 11.37 -0.63
CA LEU A 402 11.67 11.52 -1.35
C LEU A 402 11.89 11.72 -2.83
N THR A 403 12.33 10.63 -3.47
CA THR A 403 12.65 10.53 -4.89
C THR A 403 12.23 9.14 -5.34
N ASP A 404 12.23 8.91 -6.65
CA ASP A 404 11.86 7.60 -7.19
C ASP A 404 12.93 6.59 -6.81
N GLU A 405 14.19 7.02 -6.80
CA GLU A 405 15.33 6.17 -6.48
C GLU A 405 15.49 5.97 -4.96
N GLY A 406 15.18 6.99 -4.18
CA GLY A 406 15.28 6.94 -2.72
C GLY A 406 14.22 6.10 -2.05
N LEU A 407 12.95 6.26 -2.46
CA LEU A 407 11.88 5.44 -1.88
C LEU A 407 11.95 3.97 -2.38
N GLU A 408 12.63 3.70 -3.52
CA GLU A 408 12.82 2.36 -4.07
C GLU A 408 13.77 1.55 -3.17
N ALA A 409 14.89 2.18 -2.78
CA ALA A 409 15.91 1.58 -1.92
C ALA A 409 15.33 1.18 -0.56
N VAL A 410 14.36 1.96 -0.05
CA VAL A 410 13.73 1.66 1.23
C VAL A 410 12.68 0.60 1.03
N ASN A 411 11.87 0.70 -0.04
CA ASN A 411 10.78 -0.24 -0.31
C ASN A 411 11.25 -1.66 -0.58
N LYS A 412 12.43 -1.83 -1.22
CA LYS A 412 12.94 -3.19 -1.49
C LYS A 412 13.47 -3.87 -0.21
N ASP A 413 13.84 -3.08 0.83
CA ASP A 413 14.31 -3.62 2.12
C ASP A 413 13.08 -4.13 2.87
N LYS A 414 12.17 -3.19 3.19
CA LYS A 414 10.92 -3.44 3.90
C LYS A 414 9.89 -2.51 3.25
N PRO A 415 8.76 -3.03 2.70
CA PRO A 415 7.81 -2.14 1.99
C PRO A 415 7.26 -0.97 2.80
N LEU A 416 7.19 0.20 2.15
CA LEU A 416 6.72 1.44 2.75
C LEU A 416 5.22 1.53 2.85
N GLY A 417 4.50 0.81 2.00
CA GLY A 417 3.05 0.91 1.87
C GLY A 417 2.70 1.77 0.68
N ALA A 418 1.52 2.39 0.68
CA ALA A 418 1.12 3.26 -0.42
C ALA A 418 1.91 4.57 -0.32
N VAL A 419 3.10 4.62 -0.98
CA VAL A 419 4.00 5.78 -0.93
C VAL A 419 3.27 7.07 -1.36
N ALA A 420 3.68 8.19 -0.76
CA ALA A 420 3.09 9.51 -1.01
C ALA A 420 3.55 10.13 -2.31
N LEU A 421 4.58 9.56 -2.95
CA LEU A 421 5.15 10.08 -4.19
C LEU A 421 4.22 9.80 -5.38
N LYS A 422 3.76 10.87 -6.04
CA LYS A 422 2.84 10.79 -7.18
C LYS A 422 3.33 9.87 -8.29
N SER A 423 4.63 9.88 -8.60
CA SER A 423 5.21 9.07 -9.67
C SER A 423 5.04 7.55 -9.48
N TYR A 424 4.97 7.08 -8.22
CA TYR A 424 4.82 5.65 -7.92
C TYR A 424 3.42 5.04 -8.18
N GLU A 425 2.38 5.87 -8.39
CA GLU A 425 0.99 5.44 -8.60
C GLU A 425 0.79 4.15 -9.43
N GLU A 426 1.47 4.02 -10.58
CA GLU A 426 1.35 2.83 -11.44
C GLU A 426 1.98 1.59 -10.80
N GLU A 427 3.17 1.73 -10.18
CA GLU A 427 3.84 0.59 -9.54
C GLU A 427 3.06 0.12 -8.32
N LEU A 428 2.44 1.05 -7.58
CA LEU A 428 1.60 0.70 -6.42
C LEU A 428 0.33 0.00 -6.87
N ALA A 429 -0.26 0.45 -7.99
CA ALA A 429 -1.48 -0.12 -8.56
C ALA A 429 -1.26 -1.50 -9.21
N LYS A 430 0.02 -1.92 -9.44
CA LYS A 430 0.38 -3.23 -10.00
C LYS A 430 0.53 -4.29 -8.89
N ASP A 431 0.60 -3.87 -7.62
CA ASP A 431 0.77 -4.75 -6.49
C ASP A 431 -0.57 -5.23 -5.93
N PRO A 432 -0.80 -6.56 -5.86
CA PRO A 432 -2.03 -7.06 -5.24
C PRO A 432 -2.19 -6.75 -3.76
N ARG A 433 -1.08 -6.56 -3.04
CA ARG A 433 -1.08 -6.37 -1.59
C ARG A 433 -1.33 -4.93 -1.22
N ILE A 434 -0.90 -3.98 -2.07
CA ILE A 434 -1.14 -2.55 -1.86
C ILE A 434 -2.63 -2.27 -2.11
N ALA A 435 -3.27 -3.08 -2.96
CA ALA A 435 -4.70 -2.96 -3.22
C ALA A 435 -5.47 -3.35 -1.94
N ALA A 436 -5.02 -4.42 -1.24
CA ALA A 436 -5.64 -4.85 0.01
C ALA A 436 -5.40 -3.83 1.13
N THR A 437 -4.21 -3.17 1.13
CA THR A 437 -3.87 -2.12 2.09
C THR A 437 -4.78 -0.92 1.89
N MET A 438 -5.01 -0.49 0.62
CA MET A 438 -5.89 0.63 0.35
C MET A 438 -7.34 0.25 0.63
N GLU A 439 -7.71 -1.03 0.44
CA GLU A 439 -9.07 -1.50 0.75
C GLU A 439 -9.35 -1.35 2.24
N ASN A 440 -8.36 -1.68 3.09
CA ASN A 440 -8.48 -1.55 4.54
C ASN A 440 -8.38 -0.09 4.98
N ALA A 441 -7.54 0.71 4.30
CA ALA A 441 -7.35 2.13 4.62
C ALA A 441 -8.65 2.91 4.40
N GLN A 442 -9.41 2.57 3.34
CA GLN A 442 -10.69 3.22 3.06
C GLN A 442 -11.73 2.84 4.13
N LYS A 443 -11.71 1.58 4.59
CA LYS A 443 -12.60 1.10 5.65
C LYS A 443 -12.21 1.65 7.03
N GLY A 444 -10.98 2.11 7.17
CA GLY A 444 -10.48 2.73 8.38
C GLY A 444 -10.58 4.25 8.31
N GLU A 445 -9.73 4.95 9.06
CA GLU A 445 -9.67 6.41 9.04
C GLU A 445 -8.32 6.93 9.52
N ILE A 446 -7.90 8.10 9.02
CA ILE A 446 -6.60 8.65 9.37
C ILE A 446 -6.62 9.16 10.82
N MET A 447 -5.50 8.96 11.52
CA MET A 447 -5.36 9.36 12.93
C MET A 447 -5.24 10.86 13.05
N PRO A 448 -5.99 11.50 13.96
CA PRO A 448 -5.79 12.94 14.17
C PRO A 448 -4.42 13.13 14.82
N ASN A 449 -3.65 14.13 14.38
CA ASN A 449 -2.30 14.35 14.89
C ASN A 449 -2.24 14.97 16.30
N ILE A 450 -3.36 15.51 16.83
CA ILE A 450 -3.49 16.19 18.13
C ILE A 450 -2.52 15.73 19.26
N PRO A 451 -2.15 16.65 20.17
CA PRO A 451 -1.23 16.29 21.28
C PRO A 451 -1.75 15.25 22.28
N GLN A 452 -3.09 15.07 22.39
CA GLN A 452 -3.68 14.09 23.31
C GLN A 452 -3.53 12.62 22.85
N MET A 453 -3.11 12.36 21.59
CA MET A 453 -2.92 10.99 21.05
C MET A 453 -2.06 10.09 21.95
N SER A 454 -1.04 10.65 22.62
CA SER A 454 -0.14 9.90 23.49
C SER A 454 -0.88 9.33 24.69
N ALA A 455 -1.66 10.17 25.37
CA ALA A 455 -2.47 9.76 26.53
C ALA A 455 -3.57 8.78 26.09
N PHE A 456 -4.18 9.02 24.91
CA PHE A 456 -5.20 8.12 24.33
C PHE A 456 -4.59 6.76 24.11
N TRP A 457 -3.53 6.68 23.28
CA TRP A 457 -2.87 5.40 23.01
C TRP A 457 -2.45 4.64 24.27
N TYR A 458 -2.03 5.36 25.33
CA TYR A 458 -1.68 4.73 26.61
C TYR A 458 -2.93 4.13 27.26
N ALA A 459 -4.04 4.89 27.29
CA ALA A 459 -5.31 4.46 27.88
C ALA A 459 -5.89 3.20 27.20
N VAL A 460 -5.70 3.07 25.87
CA VAL A 460 -6.17 1.90 25.13
C VAL A 460 -5.19 0.74 25.33
N ARG A 461 -3.88 1.02 25.37
CA ARG A 461 -2.85 -0.02 25.58
C ARG A 461 -3.07 -0.75 26.92
N THR A 462 -3.28 0.01 28.01
CA THR A 462 -3.52 -0.54 29.33
C THR A 462 -4.85 -1.28 29.40
N ALA A 463 -5.92 -0.66 28.89
CA ALA A 463 -7.28 -1.23 28.86
C ALA A 463 -7.33 -2.61 28.19
N VAL A 464 -6.65 -2.78 27.06
CA VAL A 464 -6.61 -4.04 26.32
C VAL A 464 -5.80 -5.11 27.09
N ILE A 465 -4.64 -4.72 27.66
CA ILE A 465 -3.78 -5.65 28.43
C ILE A 465 -4.47 -6.15 29.71
N ASN A 466 -5.20 -5.26 30.41
CA ASN A 466 -5.91 -5.62 31.65
C ASN A 466 -7.05 -6.60 31.35
N ALA A 467 -7.83 -6.33 30.30
CA ALA A 467 -8.93 -7.21 29.88
C ALA A 467 -8.42 -8.54 29.30
N ALA A 468 -7.27 -8.52 28.58
CA ALA A 468 -6.68 -9.72 27.99
C ALA A 468 -6.10 -10.67 29.06
N SER A 469 -5.35 -10.11 30.03
CA SER A 469 -4.75 -10.89 31.12
C SER A 469 -5.78 -11.44 32.09
N GLY A 470 -6.79 -10.62 32.41
CA GLY A 470 -7.88 -10.98 33.31
C GLY A 470 -7.77 -10.28 34.65
N ARG A 471 -7.76 -8.94 34.61
CA ARG A 471 -7.66 -8.07 35.80
C ARG A 471 -8.93 -7.22 35.92
N GLN A 472 -9.20 -6.36 34.92
CA GLN A 472 -10.35 -5.47 34.89
C GLN A 472 -11.41 -5.99 33.90
N THR A 473 -12.68 -5.67 34.18
CA THR A 473 -13.81 -6.09 33.34
C THR A 473 -13.89 -5.20 32.09
N VAL A 474 -14.57 -5.65 31.02
CA VAL A 474 -14.71 -4.90 29.77
C VAL A 474 -15.47 -3.58 29.99
N ASP A 475 -16.48 -3.58 30.89
CA ASP A 475 -17.24 -2.37 31.21
C ASP A 475 -16.37 -1.36 31.99
N GLU A 476 -15.54 -1.86 32.94
CA GLU A 476 -14.64 -1.03 33.74
C GLU A 476 -13.41 -0.55 32.95
N ALA A 477 -13.08 -1.21 31.83
CA ALA A 477 -11.94 -0.83 30.99
C ALA A 477 -12.24 0.47 30.24
N LEU A 478 -13.45 0.57 29.65
CA LEU A 478 -13.89 1.77 28.92
C LEU A 478 -14.15 2.93 29.88
N LYS A 479 -14.47 2.63 31.17
CA LYS A 479 -14.70 3.63 32.22
C LYS A 479 -13.39 4.38 32.50
N ASP A 480 -12.32 3.62 32.78
CA ASP A 480 -11.00 4.19 33.07
C ASP A 480 -10.38 4.84 31.83
N ALA A 481 -10.66 4.30 30.64
CA ALA A 481 -10.13 4.83 29.37
C ALA A 481 -10.81 6.13 28.93
N GLN A 482 -12.10 6.33 29.24
CA GLN A 482 -12.82 7.55 28.86
C GLN A 482 -12.38 8.76 29.71
N THR A 483 -11.84 8.52 30.93
CA THR A 483 -11.37 9.58 31.82
C THR A 483 -10.13 10.28 31.26
N VAL B 10 -5.61 -9.87 -29.27
CA VAL B 10 -5.78 -11.12 -28.53
C VAL B 10 -6.50 -10.85 -27.20
N GLY B 11 -5.86 -10.04 -26.36
CA GLY B 11 -6.36 -9.67 -25.05
C GLY B 11 -7.11 -8.35 -25.04
N LEU B 12 -8.01 -8.19 -24.06
CA LEU B 12 -8.81 -6.97 -23.91
C LEU B 12 -7.99 -5.82 -23.29
N ASN B 13 -7.46 -6.01 -22.06
CA ASN B 13 -6.70 -4.98 -21.33
C ASN B 13 -5.17 -5.20 -21.31
N PRO B 14 -4.37 -4.11 -21.38
CA PRO B 14 -2.91 -4.26 -21.29
C PRO B 14 -2.39 -4.47 -19.86
N ASN B 15 -3.15 -3.96 -18.85
CA ASN B 15 -2.79 -4.08 -17.44
C ASN B 15 -3.18 -5.46 -16.86
N PHE B 16 -4.10 -6.18 -17.54
CA PHE B 16 -4.53 -7.50 -17.09
C PHE B 16 -3.43 -8.55 -17.35
N SER B 17 -3.19 -9.44 -16.36
CA SER B 17 -2.24 -10.55 -16.48
C SER B 17 -3.11 -11.81 -16.61
N PHE B 18 -3.04 -12.47 -17.78
CA PHE B 18 -3.91 -13.62 -18.08
C PHE B 18 -3.47 -14.94 -17.41
N ARG B 19 -4.20 -15.32 -16.36
CA ARG B 19 -3.96 -16.54 -15.59
C ARG B 19 -4.30 -17.81 -16.36
N GLY B 20 -5.40 -17.81 -17.12
CA GLY B 20 -5.84 -18.96 -17.89
C GLY B 20 -5.28 -19.07 -19.30
N LYS B 21 -3.94 -18.90 -19.47
CA LYS B 21 -3.30 -19.04 -20.80
C LYS B 21 -3.10 -20.54 -21.14
N GLN B 22 -3.00 -21.44 -20.11
CA GLN B 22 -2.92 -22.89 -20.31
C GLN B 22 -4.37 -23.45 -20.42
N GLN B 23 -4.60 -24.42 -21.32
CA GLN B 23 -5.94 -24.96 -21.54
C GLN B 23 -6.28 -26.06 -20.53
N THR B 24 -7.52 -26.03 -20.03
CA THR B 24 -8.00 -26.89 -18.96
C THR B 24 -9.22 -27.69 -19.35
N ARG B 25 -9.61 -28.61 -18.45
CA ARG B 25 -10.75 -29.48 -18.66
C ARG B 25 -12.03 -28.70 -18.74
N ILE B 26 -12.28 -27.76 -17.82
CA ILE B 26 -13.51 -26.99 -17.94
C ILE B 26 -13.53 -26.24 -19.32
N GLU B 27 -12.43 -25.64 -19.74
CA GLU B 27 -12.35 -24.89 -20.99
C GLU B 27 -12.63 -25.76 -22.22
N THR B 28 -11.97 -26.96 -22.28
CA THR B 28 -12.09 -27.99 -23.35
C THR B 28 -13.52 -28.53 -23.44
N PHE B 29 -14.01 -28.98 -22.26
CA PHE B 29 -15.37 -29.43 -22.09
C PHE B 29 -16.31 -28.32 -22.55
N SER B 30 -16.05 -27.08 -22.15
CA SER B 30 -16.96 -25.98 -22.51
C SER B 30 -16.94 -25.69 -24.00
N ASP B 31 -15.71 -25.68 -24.62
CA ASP B 31 -15.62 -25.50 -26.10
C ASP B 31 -16.45 -26.56 -26.76
N ALA B 32 -16.27 -27.85 -26.36
CA ALA B 32 -17.00 -28.99 -26.95
C ALA B 32 -18.52 -28.75 -26.99
N VAL B 33 -19.11 -28.32 -25.85
CA VAL B 33 -20.54 -27.96 -25.81
C VAL B 33 -20.81 -26.81 -26.79
N PHE B 34 -20.02 -25.73 -26.76
CA PHE B 34 -20.21 -24.59 -27.69
C PHE B 34 -20.20 -25.04 -29.14
N ALA B 35 -19.20 -25.88 -29.52
CA ALA B 35 -19.07 -26.38 -30.89
C ALA B 35 -20.27 -27.18 -31.23
N LEU B 36 -20.73 -28.07 -30.32
CA LEU B 36 -21.96 -28.80 -30.58
C LEU B 36 -23.19 -27.88 -30.81
N ALA B 37 -23.46 -26.88 -29.94
CA ALA B 37 -24.60 -25.96 -30.16
C ALA B 37 -24.63 -25.34 -31.58
N ILE B 38 -23.52 -24.72 -32.04
CA ILE B 38 -23.53 -24.16 -33.41
C ILE B 38 -23.62 -25.31 -34.48
N THR B 39 -22.93 -26.43 -34.28
CA THR B 39 -23.01 -27.55 -35.20
C THR B 39 -24.43 -28.24 -35.27
N LEU B 40 -25.09 -28.54 -34.13
CA LEU B 40 -26.36 -29.26 -34.15
C LEU B 40 -27.49 -28.34 -34.57
N LEU B 41 -27.39 -27.04 -34.25
CA LEU B 41 -28.34 -26.06 -34.76
C LEU B 41 -28.38 -26.18 -36.30
N VAL B 42 -27.22 -26.18 -36.97
CA VAL B 42 -27.19 -26.36 -38.43
C VAL B 42 -27.55 -27.80 -38.85
N LEU B 43 -26.76 -28.77 -38.39
CA LEU B 43 -26.86 -30.19 -38.80
C LEU B 43 -27.99 -31.05 -38.18
N SER B 44 -28.93 -30.42 -37.44
CA SER B 44 -30.13 -31.12 -36.96
C SER B 44 -31.12 -31.11 -38.11
N SER B 45 -30.90 -30.24 -39.14
CA SER B 45 -31.75 -30.21 -40.34
C SER B 45 -31.72 -31.54 -41.12
N THR B 46 -32.77 -31.80 -41.90
CA THR B 46 -32.89 -33.02 -42.69
C THR B 46 -31.95 -32.95 -43.92
N ILE B 47 -31.45 -34.12 -44.36
CA ILE B 47 -30.47 -34.18 -45.45
C ILE B 47 -31.20 -34.04 -46.80
N PRO B 48 -30.80 -33.05 -47.64
CA PRO B 48 -31.44 -32.92 -48.96
C PRO B 48 -31.31 -34.18 -49.81
N GLU B 49 -32.45 -34.70 -50.28
CA GLU B 49 -32.55 -35.89 -51.14
C GLU B 49 -32.89 -35.51 -52.59
N THR B 50 -33.17 -34.21 -52.85
CA THR B 50 -33.58 -33.71 -54.14
C THR B 50 -33.33 -32.20 -54.24
N PHE B 51 -33.24 -31.66 -55.46
CA PHE B 51 -33.01 -30.22 -55.69
C PHE B 51 -33.97 -29.32 -54.89
N GLU B 52 -35.25 -29.69 -54.79
CA GLU B 52 -36.27 -28.95 -54.03
C GLU B 52 -35.88 -28.84 -52.53
N ASP B 53 -35.34 -29.92 -51.95
CA ASP B 53 -34.87 -29.95 -50.55
C ASP B 53 -33.60 -29.12 -50.42
N LEU B 54 -32.77 -29.13 -51.46
CA LEU B 54 -31.51 -28.38 -51.50
C LEU B 54 -31.77 -26.87 -51.44
N TRP B 55 -32.69 -26.37 -52.28
CA TRP B 55 -33.02 -24.94 -52.27
C TRP B 55 -33.74 -24.55 -50.99
N ALA B 56 -34.55 -25.46 -50.44
CA ALA B 56 -35.25 -25.20 -49.18
C ALA B 56 -34.23 -24.99 -48.06
N SER B 57 -33.23 -25.90 -47.96
CA SER B 57 -32.18 -25.81 -46.91
C SER B 57 -31.30 -24.55 -47.00
N MET B 58 -31.12 -23.98 -48.19
CA MET B 58 -30.31 -22.77 -48.36
C MET B 58 -31.04 -21.50 -47.85
N ARG B 59 -32.39 -21.54 -47.77
CA ARG B 59 -33.17 -20.43 -47.20
C ARG B 59 -32.92 -20.35 -45.67
N ASP B 60 -32.51 -21.48 -45.06
CA ASP B 60 -32.18 -21.53 -43.62
C ASP B 60 -30.84 -20.83 -43.24
N VAL B 61 -29.98 -20.43 -44.22
CA VAL B 61 -28.70 -19.82 -43.83
C VAL B 61 -28.90 -18.52 -43.06
N ILE B 62 -29.82 -17.63 -43.49
CA ILE B 62 -30.03 -16.34 -42.77
C ILE B 62 -30.42 -16.64 -41.33
N PRO B 63 -31.50 -17.39 -41.04
CA PRO B 63 -31.77 -17.77 -39.64
C PRO B 63 -30.56 -18.37 -38.92
N PHE B 64 -29.82 -19.32 -39.53
CA PHE B 64 -28.67 -19.96 -38.88
C PHE B 64 -27.52 -18.99 -38.65
N ALA B 65 -27.29 -18.05 -39.58
CA ALA B 65 -26.23 -17.06 -39.42
C ALA B 65 -26.47 -16.23 -38.17
N ILE B 66 -27.74 -15.89 -37.89
CA ILE B 66 -28.08 -15.12 -36.69
C ILE B 66 -27.84 -15.97 -35.43
N CYS B 67 -28.17 -17.26 -35.49
CA CYS B 67 -28.00 -18.17 -34.37
C CYS B 67 -26.53 -18.34 -34.00
N VAL B 68 -25.68 -18.58 -34.99
CA VAL B 68 -24.25 -18.80 -34.78
C VAL B 68 -23.60 -17.52 -34.27
N ALA B 69 -23.93 -16.36 -34.88
CA ALA B 69 -23.46 -15.04 -34.47
C ALA B 69 -23.73 -14.81 -32.99
N LEU B 70 -24.92 -15.17 -32.56
CA LEU B 70 -25.31 -15.05 -31.15
C LEU B 70 -24.53 -16.04 -30.24
N ILE B 71 -24.37 -17.31 -30.67
CA ILE B 71 -23.68 -18.31 -29.87
C ILE B 71 -22.19 -18.01 -29.71
N ILE B 72 -21.44 -17.69 -30.81
CA ILE B 72 -19.99 -17.36 -30.68
C ILE B 72 -19.78 -16.12 -29.78
N VAL B 73 -20.74 -15.17 -29.75
CA VAL B 73 -20.62 -13.98 -28.89
C VAL B 73 -20.59 -14.45 -27.43
N ILE B 74 -21.43 -15.42 -27.07
CA ILE B 74 -21.42 -16.01 -25.72
C ILE B 74 -20.07 -16.75 -25.55
N TRP B 75 -19.66 -17.60 -26.56
CA TRP B 75 -18.38 -18.33 -26.52
C TRP B 75 -17.22 -17.40 -26.28
N TYR B 76 -17.25 -16.19 -26.86
CA TYR B 76 -16.20 -15.18 -26.69
C TYR B 76 -16.12 -14.70 -25.25
N GLN B 77 -17.27 -14.33 -24.68
CA GLN B 77 -17.35 -13.85 -23.29
C GLN B 77 -16.90 -14.94 -22.31
N HIS B 78 -17.12 -16.21 -22.67
CA HIS B 78 -16.68 -17.37 -21.88
C HIS B 78 -15.15 -17.44 -21.97
N TYR B 79 -14.59 -17.50 -23.21
CA TYR B 79 -13.16 -17.49 -23.53
C TYR B 79 -12.41 -16.40 -22.78
N ILE B 80 -12.93 -15.17 -22.82
CA ILE B 80 -12.32 -14.01 -22.15
C ILE B 80 -12.33 -14.19 -20.62
N PHE B 81 -13.44 -14.70 -20.04
CA PHE B 81 -13.53 -14.91 -18.59
C PHE B 81 -12.49 -15.93 -18.14
N PHE B 82 -12.51 -17.13 -18.73
CA PHE B 82 -11.55 -18.18 -18.35
C PHE B 82 -10.14 -17.84 -18.75
N LEU B 83 -9.92 -16.86 -19.66
CA LEU B 83 -8.56 -16.41 -19.99
C LEU B 83 -8.04 -15.47 -18.88
N LYS B 84 -8.89 -14.52 -18.43
CA LYS B 84 -8.58 -13.57 -17.36
C LYS B 84 -8.21 -14.24 -16.05
N TYR B 85 -9.14 -14.95 -15.46
CA TYR B 85 -9.01 -15.52 -14.11
C TYR B 85 -8.44 -16.92 -14.03
N GLY B 86 -8.65 -17.74 -15.06
CA GLY B 86 -8.21 -19.13 -15.05
C GLY B 86 -8.85 -20.00 -13.97
N LEU B 87 -10.06 -19.66 -13.50
CA LEU B 87 -10.74 -20.38 -12.42
C LEU B 87 -11.15 -21.82 -12.77
N GLN B 88 -11.18 -22.70 -11.76
CA GLN B 88 -11.51 -24.12 -11.93
C GLN B 88 -12.21 -24.77 -10.70
N ASP B 89 -12.82 -23.95 -9.83
CA ASP B 89 -13.49 -24.38 -8.57
C ASP B 89 -14.90 -24.87 -8.77
N LYS B 90 -15.47 -25.47 -7.70
CA LYS B 90 -16.83 -26.02 -7.66
C LYS B 90 -17.88 -24.97 -8.01
N VAL B 91 -17.81 -23.80 -7.38
CA VAL B 91 -18.79 -22.75 -7.65
C VAL B 91 -18.63 -22.22 -9.07
N THR B 92 -17.40 -22.18 -9.62
CA THR B 92 -17.21 -21.77 -11.02
C THR B 92 -17.74 -22.87 -11.94
N ILE B 93 -17.46 -24.16 -11.62
CA ILE B 93 -17.97 -25.33 -12.34
C ILE B 93 -19.52 -25.35 -12.36
N LEU B 94 -20.13 -25.00 -11.22
CA LEU B 94 -21.59 -24.93 -11.04
C LEU B 94 -22.16 -23.88 -11.99
N LEU B 95 -21.78 -22.59 -11.79
CA LEU B 95 -22.27 -21.44 -12.59
C LEU B 95 -22.06 -21.66 -14.08
N ASN B 96 -20.91 -22.25 -14.43
CA ASN B 96 -20.57 -22.55 -15.81
C ASN B 96 -21.56 -23.56 -16.39
N THR B 97 -21.99 -24.54 -15.58
CA THR B 97 -22.93 -25.56 -16.06
C THR B 97 -24.26 -24.91 -16.24
N ILE B 98 -24.73 -24.08 -15.24
CA ILE B 98 -25.97 -23.29 -15.37
C ILE B 98 -25.94 -22.53 -16.70
N LEU B 99 -24.80 -21.93 -17.05
CA LEU B 99 -24.62 -21.27 -18.37
C LEU B 99 -24.81 -22.23 -19.59
N LEU B 100 -23.94 -23.28 -19.70
CA LEU B 100 -24.02 -24.22 -20.83
C LEU B 100 -25.37 -24.97 -20.88
N PHE B 101 -26.02 -25.11 -19.69
CA PHE B 101 -27.34 -25.72 -19.58
C PHE B 101 -28.31 -24.79 -20.26
N VAL B 102 -28.26 -23.47 -19.96
CA VAL B 102 -29.18 -22.53 -20.60
C VAL B 102 -28.89 -22.54 -22.08
N LEU B 103 -27.64 -22.28 -22.48
CA LEU B 103 -27.28 -22.35 -23.90
C LEU B 103 -27.99 -23.51 -24.57
N LEU B 104 -27.75 -24.73 -24.06
CA LEU B 104 -28.32 -25.96 -24.59
C LEU B 104 -29.86 -25.99 -24.70
N VAL B 105 -30.60 -25.53 -23.71
CA VAL B 105 -32.04 -25.57 -23.83
C VAL B 105 -32.54 -24.56 -24.88
N TYR B 106 -31.91 -23.38 -25.03
CA TYR B 106 -32.40 -22.41 -26.04
C TYR B 106 -31.81 -22.57 -27.48
N VAL B 107 -31.04 -23.64 -27.76
CA VAL B 107 -30.46 -23.84 -29.10
C VAL B 107 -31.56 -23.96 -30.14
N TYR B 108 -32.40 -24.98 -30.00
CA TYR B 108 -33.49 -25.23 -30.94
C TYR B 108 -34.55 -24.13 -30.90
N PRO B 109 -35.09 -23.69 -29.73
CA PRO B 109 -35.96 -22.48 -29.71
C PRO B 109 -35.39 -21.24 -30.44
N LEU B 110 -34.05 -21.07 -30.47
CA LEU B 110 -33.43 -19.98 -31.24
C LEU B 110 -33.59 -20.26 -32.72
N LYS B 111 -33.39 -21.53 -33.15
CA LYS B 111 -33.59 -21.92 -34.54
C LYS B 111 -35.05 -21.53 -34.91
N PHE B 112 -36.01 -21.85 -34.02
CA PHE B 112 -37.39 -21.48 -34.23
C PHE B 112 -37.58 -19.94 -34.35
N LEU B 113 -37.05 -19.17 -33.40
CA LEU B 113 -37.21 -17.70 -33.41
C LEU B 113 -36.51 -17.04 -34.60
N ALA B 114 -35.34 -17.57 -34.97
CA ALA B 114 -34.55 -17.06 -36.09
C ALA B 114 -35.29 -17.27 -37.40
N ARG B 115 -35.96 -18.43 -37.54
CA ARG B 115 -36.78 -18.73 -38.74
C ARG B 115 -38.01 -17.85 -38.79
N PHE B 116 -38.73 -17.77 -37.67
CA PHE B 116 -39.94 -16.95 -37.47
C PHE B 116 -39.67 -15.48 -37.76
N LEU B 117 -38.62 -14.93 -37.17
CA LEU B 117 -38.28 -13.52 -37.40
C LEU B 117 -37.76 -13.26 -38.82
N SER B 118 -37.08 -14.24 -39.44
CA SER B 118 -36.62 -14.09 -40.83
C SER B 118 -37.81 -14.06 -41.83
N GLU B 119 -38.96 -14.71 -41.50
CA GLU B 119 -40.16 -14.69 -42.36
C GLU B 119 -40.95 -13.39 -42.20
N ILE B 120 -40.98 -12.81 -40.98
CA ILE B 120 -41.65 -11.53 -40.72
C ILE B 120 -40.87 -10.44 -41.43
N TYR B 121 -39.54 -10.41 -41.25
CA TYR B 121 -38.68 -9.42 -41.92
C TYR B 121 -38.60 -9.70 -43.42
N GLY B 122 -38.80 -10.95 -43.82
CA GLY B 122 -38.88 -11.37 -45.22
C GLY B 122 -40.11 -10.79 -45.89
N GLY B 123 -41.21 -10.70 -45.14
CA GLY B 123 -42.45 -10.09 -45.59
C GLY B 123 -42.38 -8.57 -45.64
N ILE B 124 -41.70 -7.94 -44.65
CA ILE B 124 -41.55 -6.49 -44.58
C ILE B 124 -40.70 -5.98 -45.75
N PHE B 125 -39.42 -6.41 -45.86
CA PHE B 125 -38.52 -5.98 -46.95
C PHE B 125 -39.04 -6.36 -48.36
N GLY B 126 -39.93 -7.36 -48.46
CA GLY B 126 -40.53 -7.80 -49.72
C GLY B 126 -39.68 -8.76 -50.53
N ILE B 127 -38.81 -9.55 -49.86
CA ILE B 127 -37.95 -10.53 -50.53
C ILE B 127 -38.77 -11.79 -50.82
N ILE B 128 -39.53 -12.27 -49.82
CA ILE B 128 -40.39 -13.46 -49.92
C ILE B 128 -41.81 -13.13 -49.47
N GLU B 129 -42.76 -14.04 -49.74
CA GLU B 129 -44.17 -13.91 -49.35
C GLU B 129 -44.75 -15.29 -48.97
N THR B 130 -44.00 -16.08 -48.16
CA THR B 130 -44.44 -17.40 -47.70
C THR B 130 -45.22 -17.25 -46.38
N ASP B 131 -46.20 -18.15 -46.16
CA ASP B 131 -47.10 -18.10 -45.01
C ASP B 131 -46.42 -18.25 -43.64
N LEU B 132 -47.11 -17.74 -42.60
CA LEU B 132 -46.69 -17.80 -41.21
C LEU B 132 -47.72 -18.61 -40.39
N SER B 133 -48.64 -19.34 -41.08
CA SER B 133 -49.66 -20.18 -40.43
C SER B 133 -48.97 -21.48 -39.97
N ARG B 134 -47.85 -21.85 -40.62
CA ARG B 134 -47.03 -23.00 -40.28
C ARG B 134 -46.59 -22.93 -38.81
N PHE B 135 -46.25 -21.72 -38.32
CA PHE B 135 -45.77 -21.48 -36.96
C PHE B 135 -46.79 -21.59 -35.82
N GLY B 136 -48.08 -21.81 -36.12
CA GLY B 136 -49.11 -21.94 -35.10
C GLY B 136 -50.10 -20.81 -35.14
N GLU B 137 -50.75 -20.51 -34.00
CA GLU B 137 -51.74 -19.44 -33.93
C GLU B 137 -51.09 -18.19 -33.40
N TYR B 138 -50.86 -17.16 -34.24
CA TYR B 138 -50.29 -15.93 -33.71
C TYR B 138 -51.37 -15.19 -32.90
N SER B 139 -51.45 -15.55 -31.60
CA SER B 139 -52.37 -15.01 -30.60
C SER B 139 -51.58 -14.24 -29.59
N HIS B 140 -52.27 -13.39 -28.82
CA HIS B 140 -51.68 -12.55 -27.78
C HIS B 140 -50.88 -13.36 -26.74
N GLN B 141 -51.44 -14.47 -26.23
CA GLN B 141 -50.77 -15.33 -25.25
C GLN B 141 -49.51 -15.98 -25.79
N ASN B 142 -49.49 -16.40 -27.06
CA ASN B 142 -48.30 -17.03 -27.65
C ASN B 142 -47.21 -15.99 -27.87
N LEU B 143 -47.57 -14.83 -28.43
CA LEU B 143 -46.63 -13.73 -28.67
C LEU B 143 -46.10 -13.16 -27.34
N LYS B 144 -46.91 -13.23 -26.26
CA LYS B 144 -46.48 -12.82 -24.91
C LYS B 144 -45.50 -13.87 -24.43
N LEU B 145 -45.88 -15.16 -24.49
CA LEU B 145 -44.98 -16.24 -24.08
C LEU B 145 -43.70 -16.26 -24.92
N LEU B 146 -43.73 -15.75 -26.16
CA LEU B 146 -42.54 -15.67 -26.99
C LEU B 146 -41.53 -14.72 -26.31
N MET B 147 -41.95 -13.48 -25.98
CA MET B 147 -41.07 -12.53 -25.31
C MET B 147 -40.53 -13.10 -23.99
N VAL B 148 -41.45 -13.45 -23.08
CA VAL B 148 -41.12 -13.97 -21.75
C VAL B 148 -40.12 -15.10 -21.83
N ASN B 149 -40.24 -15.97 -22.84
CA ASN B 149 -39.33 -17.08 -23.00
C ASN B 149 -37.90 -16.61 -23.30
N TYR B 150 -37.69 -15.95 -24.45
CA TYR B 150 -36.35 -15.52 -24.88
C TYR B 150 -35.78 -14.44 -23.99
N GLY B 151 -36.65 -13.62 -23.39
CA GLY B 151 -36.23 -12.61 -22.43
C GLY B 151 -35.63 -13.26 -21.18
N LEU B 152 -36.31 -14.29 -20.65
CA LEU B 152 -35.85 -15.06 -19.50
C LEU B 152 -34.52 -15.76 -19.83
N GLY B 153 -34.43 -16.25 -21.07
CA GLY B 153 -33.25 -16.93 -21.59
C GLY B 153 -32.01 -16.06 -21.62
N ALA B 154 -32.14 -14.83 -22.18
CA ALA B 154 -31.03 -13.85 -22.32
C ALA B 154 -30.60 -13.29 -20.96
N PHE B 155 -31.58 -12.97 -20.11
CA PHE B 155 -31.38 -12.48 -18.73
C PHE B 155 -30.54 -13.48 -17.97
N ALA B 156 -30.91 -14.78 -17.98
CA ALA B 156 -30.13 -15.84 -17.33
C ALA B 156 -28.68 -15.85 -17.78
N ILE B 157 -28.44 -15.84 -19.10
CA ILE B 157 -27.05 -15.83 -19.61
C ILE B 157 -26.24 -14.68 -19.00
N PHE B 158 -26.65 -13.43 -19.20
CA PHE B 158 -25.93 -12.28 -18.62
C PHE B 158 -25.94 -12.28 -17.08
N LEU B 159 -27.00 -12.80 -16.45
CA LEU B 159 -27.02 -12.88 -15.00
C LEU B 159 -25.91 -13.84 -14.57
N VAL B 160 -25.78 -15.01 -15.25
CA VAL B 160 -24.71 -15.95 -14.92
C VAL B 160 -23.34 -15.29 -15.13
N PHE B 161 -23.12 -14.61 -16.26
CA PHE B 161 -21.82 -13.96 -16.45
C PHE B 161 -21.49 -13.02 -15.29
N SER B 162 -22.44 -12.16 -14.85
CA SER B 162 -22.28 -11.29 -13.67
C SER B 162 -21.95 -12.10 -12.42
N LEU B 163 -22.62 -13.24 -12.21
CA LEU B 163 -22.33 -14.08 -11.06
C LEU B 163 -20.91 -14.66 -11.09
N MET B 164 -20.40 -14.96 -12.29
CA MET B 164 -19.05 -15.50 -12.47
C MET B 164 -17.97 -14.46 -12.23
N TYR B 165 -18.19 -13.19 -12.68
CA TYR B 165 -17.23 -12.11 -12.44
C TYR B 165 -17.18 -11.76 -10.97
N TRP B 166 -18.32 -11.86 -10.28
CA TRP B 166 -18.39 -11.60 -8.83
C TRP B 166 -17.72 -12.74 -8.08
N ARG B 167 -17.85 -14.01 -8.53
CA ARG B 167 -17.14 -15.12 -7.89
C ARG B 167 -15.63 -14.85 -7.99
N ALA B 168 -15.13 -14.38 -9.16
CA ALA B 168 -13.71 -14.02 -9.30
C ALA B 168 -13.40 -12.87 -8.33
N TYR B 169 -14.22 -11.81 -8.31
CA TYR B 169 -14.05 -10.68 -7.36
C TYR B 169 -14.00 -11.17 -5.88
N LYS B 170 -14.89 -12.12 -5.50
CA LYS B 170 -14.92 -12.71 -4.15
C LYS B 170 -13.57 -13.42 -3.86
N MET B 171 -12.86 -13.91 -4.90
CA MET B 171 -11.55 -14.57 -4.79
C MET B 171 -10.39 -13.67 -5.26
N LYS B 172 -10.58 -12.33 -5.27
CA LYS B 172 -9.57 -11.35 -5.72
C LYS B 172 -8.20 -11.51 -5.07
N SER B 173 -8.16 -11.81 -3.76
CA SER B 173 -6.88 -11.98 -3.06
C SER B 173 -6.21 -13.30 -3.40
N LEU B 174 -7.00 -14.38 -3.65
CA LEU B 174 -6.43 -15.68 -3.98
C LEU B 174 -5.83 -15.67 -5.39
N LEU B 175 -6.49 -14.96 -6.32
CA LEU B 175 -6.03 -14.79 -7.70
C LEU B 175 -4.91 -13.73 -7.79
N ASP B 176 -4.69 -12.95 -6.72
CA ASP B 176 -3.69 -11.89 -6.65
C ASP B 176 -3.98 -10.79 -7.67
N LEU B 177 -5.23 -10.33 -7.67
CA LEU B 177 -5.64 -9.27 -8.58
C LEU B 177 -5.08 -7.92 -8.10
N ASN B 178 -4.52 -7.14 -9.04
CA ASN B 178 -4.02 -5.80 -8.78
C ASN B 178 -5.16 -4.79 -8.94
N SER B 179 -4.95 -3.51 -8.63
CA SER B 179 -5.98 -2.45 -8.70
C SER B 179 -6.60 -2.29 -10.10
N TYR B 180 -5.81 -2.49 -11.17
CA TYR B 180 -6.33 -2.44 -12.54
C TYR B 180 -7.23 -3.64 -12.80
N GLU B 181 -6.81 -4.83 -12.33
CA GLU B 181 -7.58 -6.05 -12.48
C GLU B 181 -8.80 -6.07 -11.57
N ILE B 182 -8.76 -5.37 -10.41
CA ILE B 182 -9.96 -5.29 -9.57
C ILE B 182 -11.04 -4.46 -10.30
N PHE B 183 -10.63 -3.31 -10.85
CA PHE B 183 -11.53 -2.39 -11.56
C PHE B 183 -12.15 -3.03 -12.79
N ASP B 184 -11.38 -3.84 -13.53
CA ASP B 184 -11.91 -4.53 -14.71
C ASP B 184 -13.00 -5.50 -14.26
N THR B 185 -12.71 -6.34 -13.27
CA THR B 185 -13.64 -7.32 -12.70
C THR B 185 -14.90 -6.64 -12.20
N LYS B 186 -14.75 -5.51 -11.46
CA LYS B 186 -15.88 -4.75 -10.92
C LYS B 186 -16.72 -4.16 -12.07
N SER B 187 -16.05 -3.64 -13.11
CA SER B 187 -16.74 -3.10 -14.31
C SER B 187 -17.46 -4.20 -15.10
N SER B 188 -16.86 -5.41 -15.20
CA SER B 188 -17.46 -6.53 -15.94
C SER B 188 -18.77 -7.04 -15.31
N ILE B 189 -18.93 -6.89 -13.98
CA ILE B 189 -20.16 -7.29 -13.27
C ILE B 189 -21.26 -6.34 -13.68
N ILE B 190 -21.02 -5.03 -13.48
CA ILE B 190 -21.95 -3.97 -13.82
C ILE B 190 -22.32 -4.09 -15.31
N ALA B 191 -21.34 -4.40 -16.18
CA ALA B 191 -21.58 -4.57 -17.62
C ALA B 191 -22.60 -5.67 -17.89
N ASN B 192 -22.42 -6.84 -17.25
CA ASN B 192 -23.31 -7.98 -17.44
C ASN B 192 -24.64 -7.76 -16.73
N LEU B 193 -24.68 -7.07 -15.57
CA LEU B 193 -25.96 -6.79 -14.91
C LEU B 193 -26.77 -5.80 -15.77
N LEU B 194 -26.08 -4.80 -16.35
CA LEU B 194 -26.73 -3.84 -17.25
C LEU B 194 -27.24 -4.55 -18.51
N MET B 195 -26.52 -5.57 -19.01
CA MET B 195 -26.98 -6.35 -20.15
C MET B 195 -28.22 -7.21 -19.79
N CYS B 196 -28.29 -7.70 -18.54
CA CYS B 196 -29.42 -8.50 -18.06
C CYS B 196 -30.60 -7.65 -17.58
N SER B 197 -30.47 -6.32 -17.50
CA SER B 197 -31.57 -5.44 -17.08
C SER B 197 -32.67 -5.24 -18.17
N VAL B 198 -32.29 -5.24 -19.47
CA VAL B 198 -33.22 -5.03 -20.60
C VAL B 198 -34.14 -6.24 -20.81
N PRO B 199 -33.62 -7.49 -20.93
CA PRO B 199 -34.54 -8.62 -21.05
C PRO B 199 -35.39 -8.77 -19.78
N LEU B 200 -34.81 -8.52 -18.59
CA LEU B 200 -35.57 -8.58 -17.34
C LEU B 200 -36.71 -7.56 -17.31
N LEU B 201 -36.49 -6.35 -17.83
CA LEU B 201 -37.50 -5.30 -17.85
C LEU B 201 -38.66 -5.64 -18.82
N SER B 202 -38.35 -6.26 -20.00
CA SER B 202 -39.38 -6.68 -20.98
C SER B 202 -40.23 -7.79 -20.40
N LEU B 203 -39.55 -8.81 -19.90
CA LEU B 203 -40.11 -9.99 -19.25
C LEU B 203 -41.09 -9.58 -18.16
N ILE B 204 -40.68 -8.62 -17.31
CA ILE B 204 -41.53 -8.11 -16.24
C ILE B 204 -42.74 -7.37 -16.81
N ILE B 205 -42.54 -6.54 -17.85
CA ILE B 205 -43.62 -5.81 -18.51
C ILE B 205 -44.61 -6.77 -19.22
N THR B 206 -44.12 -7.85 -19.84
CA THR B 206 -45.01 -8.80 -20.53
C THR B 206 -45.85 -9.58 -19.51
N LEU B 207 -45.22 -10.09 -18.43
CA LEU B 207 -45.91 -10.85 -17.39
C LEU B 207 -47.01 -10.06 -16.70
N ILE B 208 -46.76 -8.78 -16.36
CA ILE B 208 -47.79 -7.93 -15.72
C ILE B 208 -48.92 -7.62 -16.72
N ASP B 209 -48.56 -7.31 -17.99
CA ASP B 209 -49.49 -7.03 -19.08
C ASP B 209 -50.35 -5.80 -18.77
N PRO B 210 -49.78 -4.58 -18.91
CA PRO B 210 -50.56 -3.37 -18.61
C PRO B 210 -51.77 -3.10 -19.53
N TRP B 211 -51.65 -3.43 -20.82
CA TRP B 211 -52.70 -3.16 -21.80
C TRP B 211 -53.67 -4.30 -22.06
N GLY B 212 -53.22 -5.53 -21.87
CA GLY B 212 -54.09 -6.68 -22.15
C GLY B 212 -54.28 -6.89 -23.64
N ASN B 213 -53.31 -6.47 -24.47
CA ASN B 213 -53.35 -6.63 -25.92
C ASN B 213 -51.96 -6.48 -26.53
N PHE B 214 -51.83 -6.55 -27.88
CA PHE B 214 -50.54 -6.50 -28.58
C PHE B 214 -49.62 -5.34 -28.20
N ARG B 215 -50.17 -4.20 -27.74
CA ARG B 215 -49.38 -3.03 -27.30
C ARG B 215 -48.29 -3.46 -26.31
N THR B 216 -48.63 -4.37 -25.38
CA THR B 216 -47.70 -4.94 -24.40
C THR B 216 -46.50 -5.55 -25.13
N THR B 217 -46.75 -6.37 -26.17
CA THR B 217 -45.66 -7.02 -26.91
C THR B 217 -44.88 -6.02 -27.77
N ILE B 218 -45.53 -4.95 -28.28
CA ILE B 218 -44.81 -3.93 -29.05
C ILE B 218 -43.75 -3.26 -28.15
N LEU B 219 -44.15 -2.83 -26.93
CA LEU B 219 -43.24 -2.20 -25.95
C LEU B 219 -42.10 -3.14 -25.56
N SER B 220 -42.45 -4.34 -25.06
CA SER B 220 -41.45 -5.34 -24.63
C SER B 220 -40.42 -5.63 -25.73
N GLY B 221 -40.86 -5.70 -26.98
CA GLY B 221 -39.98 -5.88 -28.12
C GLY B 221 -39.16 -4.63 -28.41
N PHE B 222 -39.77 -3.44 -28.23
CA PHE B 222 -39.13 -2.14 -28.46
C PHE B 222 -38.00 -1.81 -27.49
N LEU B 223 -37.92 -2.48 -26.32
CA LEU B 223 -36.81 -2.24 -25.38
C LEU B 223 -35.49 -2.79 -25.94
N TYR B 224 -35.55 -3.83 -26.80
CA TYR B 224 -34.38 -4.42 -27.46
C TYR B 224 -33.84 -3.49 -28.55
N PHE B 225 -34.71 -2.69 -29.19
CA PHE B 225 -34.26 -1.71 -30.20
C PHE B 225 -33.65 -0.50 -29.50
N LEU B 226 -34.05 -0.24 -28.23
CA LEU B 226 -33.48 0.80 -27.39
C LEU B 226 -32.61 0.11 -26.31
N TYR B 227 -31.63 -0.72 -26.76
CA TYR B 227 -30.77 -1.49 -25.85
C TYR B 227 -29.69 -0.56 -25.31
N VAL B 228 -28.88 0.00 -26.23
CA VAL B 228 -27.78 0.90 -25.88
C VAL B 228 -28.30 2.12 -25.09
N PRO B 229 -29.31 2.88 -25.57
CA PRO B 229 -29.79 4.03 -24.79
C PRO B 229 -30.35 3.70 -23.40
N ILE B 230 -31.08 2.56 -23.23
CA ILE B 230 -31.62 2.20 -21.91
C ILE B 230 -30.49 1.72 -20.99
N MET B 231 -29.44 1.04 -21.55
CA MET B 231 -28.26 0.63 -20.76
C MET B 231 -27.48 1.85 -20.27
N ILE B 232 -27.52 2.97 -21.02
CA ILE B 232 -26.87 4.22 -20.65
C ILE B 232 -27.69 4.95 -19.56
N VAL B 233 -29.03 4.85 -19.59
CA VAL B 233 -29.91 5.47 -18.57
C VAL B 233 -29.62 4.82 -17.20
N PHE B 234 -29.67 3.47 -17.11
CA PHE B 234 -29.40 2.72 -15.87
C PHE B 234 -27.98 2.98 -15.34
N GLY B 235 -27.02 3.09 -16.25
CA GLY B 235 -25.63 3.39 -15.92
C GLY B 235 -25.44 4.79 -15.37
N ARG B 236 -26.11 5.79 -16.00
CA ARG B 236 -26.06 7.18 -15.55
C ARG B 236 -26.73 7.35 -14.18
N ILE B 237 -27.88 6.67 -13.95
CA ILE B 237 -28.63 6.73 -12.67
C ILE B 237 -27.74 6.31 -11.49
N THR B 238 -26.93 5.26 -11.66
CA THR B 238 -26.01 4.77 -10.62
C THR B 238 -24.85 5.75 -10.35
N SER B 239 -24.38 6.50 -11.37
CA SER B 239 -23.30 7.48 -11.24
C SER B 239 -23.79 8.86 -10.73
N LYS B 240 -25.02 9.27 -11.11
CA LYS B 240 -25.61 10.56 -10.68
C LYS B 240 -25.94 10.54 -9.18
N LYS B 241 -26.60 9.46 -8.70
CA LYS B 241 -27.01 9.23 -7.31
C LYS B 241 -28.23 10.08 -6.92
C1 GLC C . 4.23 0.39 13.22
C2 GLC C . 3.47 1.62 12.66
C3 GLC C . 3.17 2.64 13.78
C4 GLC C . 2.37 1.88 14.86
C5 GLC C . 3.29 0.78 15.43
C6 GLC C . 2.54 -0.14 16.43
O1 GLC C . 5.52 0.80 13.49
O2 GLC C . 4.17 2.30 11.66
O3 GLC C . 2.33 3.68 13.36
O4 GLC C . 2.13 2.76 15.92
O5 GLC C . 3.63 -0.11 14.38
O6 GLC C . 3.47 -1.15 16.76
H1 GLC C . 4.18 -0.46 12.55
H2 GLC C . 2.53 1.26 12.22
H3 GLC C . 4.10 3.01 14.22
H4 GLC C . 1.47 1.42 14.44
H5 GLC C . 4.16 1.22 15.90
H61 GLC C . 1.65 -0.58 15.97
H62 GLC C . 2.19 0.42 17.29
HO2 GLC C . 4.02 1.82 10.79
HO3 GLC C . 2.16 3.60 12.38
HO6 GLC C . 3.12 -1.59 17.58
C1 GLC C . 0.78 3.20 16.08
C2 GLC C . 0.78 4.73 16.34
C3 GLC C . 1.49 5.04 17.71
C4 GLC C . 0.86 4.18 18.84
C5 GLC C . 0.84 2.68 18.45
C6 GLC C . -0.12 1.89 19.40
O2 GLC C . 1.47 5.40 15.35
O3 GLC C . 1.14 6.33 18.12
O4 GLC C . 1.66 4.28 19.99
O5 GLC C . 0.25 2.50 17.16
O6 GLC C . 0.16 0.55 19.22
H1 GLC C . 0.09 2.96 15.28
H2 GLC C . -0.25 5.05 16.35
H3 GLC C . 2.56 4.88 17.67
H4 GLC C . -0.15 4.52 19.04
H5 GLC C . 1.84 2.25 18.50
H61 GLC C . -1.16 2.15 19.24
H62 GLC C . 0.12 2.11 20.43
HO2 GLC C . 1.00 5.25 14.49
HO3 GLC C . 1.41 6.94 17.39
HO4 GLC C . 1.06 4.50 20.74
HO6 GLC C . 1.05 0.38 19.65
C1B LMT D . -38.01 -26.99 -43.26
C2B LMT D . -38.49 -27.96 -42.09
C3B LMT D . -37.35 -28.91 -41.53
C4B LMT D . -36.25 -29.28 -42.60
C5B LMT D . -35.81 -28.02 -43.42
C6B LMT D . -34.91 -28.39 -44.66
O1B LMT D . -37.57 -25.80 -42.64
O2B LMT D . -38.95 -27.27 -40.94
O3B LMT D . -37.91 -30.17 -41.23
O4' LMT D . -35.11 -29.69 -41.91
O5B LMT D . -36.96 -27.45 -44.05
O6B LMT D . -33.86 -29.22 -44.24
C1' LMT D . -37.61 -21.77 -42.70
C2' LMT D . -38.95 -22.39 -42.19
C3' LMT D . -38.56 -23.84 -41.75
C4' LMT D . -38.13 -24.59 -43.05
C5' LMT D . -36.95 -23.79 -43.73
C6' LMT D . -36.66 -24.23 -45.19
O1' LMT D . -37.83 -20.41 -43.02
O2' LMT D . -39.42 -21.72 -41.07
O3' LMT D . -39.64 -24.54 -41.18
O5' LMT D . -37.33 -22.43 -43.91
O6' LMT D . -35.77 -25.28 -45.13
C1 LMT D . -36.67 -19.70 -43.44
C2 LMT D . -37.06 -18.22 -43.72
C3 LMT D . -35.82 -17.55 -44.35
C4 LMT D . -36.06 -16.16 -44.92
C5 LMT D . -34.71 -15.59 -45.42
C6 LMT D . -34.76 -14.05 -45.70
C7 LMT D . -34.48 -13.21 -44.44
H1B LMT D . -38.80 -26.87 -44.00
H2B LMT D . -39.30 -28.58 -42.49
H3B LMT D . -36.88 -28.47 -40.65
H4B LMT D . -36.61 -30.07 -43.26
H5B LMT D . -35.29 -27.30 -42.78
H6'2 LMT D . -34.43 -27.49 -45.05
H6'1 LMT D . -35.50 -28.81 -45.47
H2O1 LMT D . -39.52 -26.51 -41.23
H3O1 LMT D . -38.40 -30.09 -40.37
H4O1 LMT D . -35.39 -30.23 -41.12
H6B LMT D . -33.45 -29.61 -45.06
H1' LMT D . -36.80 -21.88 -41.98
H2' LMT D . -39.69 -22.42 -42.98
H3' LMT D . -37.71 -23.82 -41.05
H4' LMT D . -38.97 -24.68 -43.73
H5' LMT D . -36.05 -23.88 -43.13
H6D LMT D . -36.19 -23.40 -45.72
H6E LMT D . -37.58 -24.44 -45.73
H2O2 LMT D . -39.61 -20.79 -41.36
H3O2 LMT D . -39.65 -24.38 -40.20
H6' LMT D . -36.21 -26.05 -45.57
H12 LMT D . -36.26 -20.15 -44.34
H11 LMT D . -35.90 -19.75 -42.68
H22 LMT D . -37.36 -17.71 -42.80
H21 LMT D . -37.92 -18.16 -44.38
H32 LMT D . -35.43 -18.17 -45.15
H31 LMT D . -35.03 -17.51 -43.60
H42 LMT D . -36.53 -15.50 -44.19
H41 LMT D . -36.77 -16.21 -45.75
H52 LMT D . -34.42 -16.12 -46.32
H51 LMT D . -33.92 -15.84 -44.72
H62 LMT D . -35.74 -13.78 -46.10
H61 LMT D . -34.05 -13.80 -46.48
K K E . -32.07 -37.98 -35.89
K K F . -12.28 -31.73 -28.01
ZN ZN G . -23.09 -35.08 -32.25
#